data_8CHE
#
_entry.id   8CHE
#
_cell.length_a   53.234
_cell.length_b   65.377
_cell.length_c   67.145
_cell.angle_alpha   91.880
_cell.angle_beta   91.720
_cell.angle_gamma   92.890
#
_symmetry.space_group_name_H-M   'P 1'
#
loop_
_entity.id
_entity.type
_entity.pdbx_description
1 polymer 'Fab heavy chain'
2 polymer 'Fab light chain'
3 polymer 'Trem-like transcript 1 protein'
4 water water
#
loop_
_entity_poly.entity_id
_entity_poly.type
_entity_poly.pdbx_seq_one_letter_code
_entity_poly.pdbx_strand_id
1 'polypeptide(L)'
;EVQLVESGGGLVQPGGSLRLSCAASGFTFSRYWMTWVRQAPGKGLVWVGEINPDSSTINYAPSVKGRFTISRDNAKNTLY
LQMNSLRAEDTAVYYCASGVFTSWGQGTLVTVSSASTKGPSVFPLAPCSRSTSESTAALGCLVKDYFPEPVTVSWNSGAL
TSGVHTFPAVLQSSGLYSLSSVVTVPSSSLGTKTYTCNVDHKPSNTKVDKRVESK
;
H,A
2 'polypeptide(L)'
;DIVMTQTPLSSPVTLGQPASISCRSSQSLVHRQGNTYFHWLQQRPGQPPRLLIYKVSNRFSGVPDRFSGSGAGTDFTLKI
SRVEAEDVGVYYCSQSTHVPYTFGQGTKLEIKRTVAAPSVFIFPPSDEQLKSGTASVVCLLNNFYPREAKVQWKVDNALQ
SCNSQESVTEQDSKDSTYSLSSTLTLSKADYEKHKVYACEVTHQGLSSPVTKSFNRGEC
;
L,B
3 'polypeptide(L)' EEEEETHKIGSLAENAFSDPAGSANPLEPSQDEKSIP C,D
#
# COMPACT_ATOMS: atom_id res chain seq x y z
N GLU A 1 -9.06 14.27 1.07
N GLU A 1 -10.05 14.48 1.24
CA GLU A 1 -8.87 13.11 1.97
CA GLU A 1 -9.39 13.36 1.97
C GLU A 1 -8.73 13.57 3.41
C GLU A 1 -9.04 13.78 3.39
N VAL A 2 -9.53 13.00 4.32
CA VAL A 2 -9.27 13.25 5.74
C VAL A 2 -7.85 12.84 6.10
N GLN A 3 -7.13 13.74 6.77
CA GLN A 3 -5.82 13.46 7.31
C GLN A 3 -5.79 13.86 8.76
N LEU A 4 -5.14 13.02 9.57
CA LEU A 4 -4.83 13.29 10.97
C LEU A 4 -3.35 12.95 11.12
N VAL A 5 -2.51 13.96 11.15
CA VAL A 5 -1.06 13.78 11.13
C VAL A 5 -0.52 14.11 12.53
N GLU A 6 0.04 13.12 13.18
CA GLU A 6 0.53 13.25 14.53
C GLU A 6 2.03 13.51 14.54
N SER A 7 2.47 14.15 15.63
CA SER A 7 3.87 14.48 15.80
C SER A 7 4.13 14.67 17.28
N GLY A 8 5.43 14.66 17.63
CA GLY A 8 5.89 14.93 18.97
C GLY A 8 6.36 13.71 19.75
N GLY A 9 6.21 12.55 19.19
CA GLY A 9 6.60 11.34 19.89
C GLY A 9 8.10 11.19 19.95
N GLY A 10 8.53 10.16 20.68
CA GLY A 10 9.94 9.87 20.78
C GLY A 10 10.27 9.51 22.22
N LEU A 11 11.55 9.62 22.52
CA LEU A 11 12.10 9.19 23.80
C LEU A 11 12.02 10.30 24.83
N VAL A 12 11.60 9.96 26.04
CA VAL A 12 11.49 10.91 27.13
C VAL A 12 11.85 10.20 28.43
N GLN A 13 12.54 10.88 29.31
CA GLN A 13 12.98 10.27 30.54
C GLN A 13 11.83 10.20 31.53
N PRO A 14 11.80 9.18 32.38
CA PRO A 14 10.78 9.12 33.42
C PRO A 14 10.79 10.37 34.29
N GLY A 15 9.59 10.81 34.66
CA GLY A 15 9.40 12.07 35.33
C GLY A 15 9.28 13.27 34.41
N GLY A 16 9.61 13.09 33.13
CA GLY A 16 9.62 14.19 32.18
C GLY A 16 8.26 14.45 31.56
N SER A 17 8.28 15.34 30.59
CA SER A 17 7.10 15.88 29.92
C SER A 17 7.29 15.81 28.42
N LEU A 18 6.17 15.64 27.71
CA LEU A 18 6.17 15.64 26.25
C LEU A 18 4.81 16.12 25.80
N ARG A 19 4.78 16.84 24.67
CA ARG A 19 3.54 17.36 24.08
C ARG A 19 3.37 16.74 22.70
N LEU A 20 2.26 16.04 22.50
CA LEU A 20 1.92 15.50 21.20
C LEU A 20 0.94 16.41 20.49
N SER A 21 1.04 16.41 19.16
CA SER A 21 0.13 17.16 18.31
C SER A 21 -0.55 16.21 17.32
N CYS A 22 -1.77 16.57 16.91
CA CYS A 22 -2.53 15.84 15.90
C CYS A 22 -3.20 16.89 15.02
N ALA A 23 -2.68 17.07 13.81
CA ALA A 23 -3.14 18.10 12.89
C ALA A 23 -4.11 17.51 11.88
N ALA A 24 -5.23 18.19 11.68
CA ALA A 24 -6.35 17.67 10.91
C ALA A 24 -6.59 18.45 9.64
N SER A 25 -6.92 17.75 8.57
CA SER A 25 -7.43 18.40 7.36
C SER A 25 -8.47 17.50 6.69
N GLY A 26 -9.21 18.09 5.75
CA GLY A 26 -10.16 17.31 4.98
C GLY A 26 -11.54 17.23 5.61
N PHE A 27 -11.75 17.91 6.73
CA PHE A 27 -13.05 17.96 7.40
C PHE A 27 -13.05 19.17 8.32
N THR A 28 -14.23 19.58 8.77
CA THR A 28 -14.38 20.75 9.63
C THR A 28 -14.10 20.35 11.08
N PHE A 29 -12.81 20.33 11.41
CA PHE A 29 -12.31 19.92 12.73
C PHE A 29 -13.05 20.63 13.85
N SER A 30 -13.35 21.92 13.67
N SER A 30 -13.35 21.92 13.66
CA SER A 30 -13.96 22.71 14.71
CA SER A 30 -13.96 22.70 14.72
C SER A 30 -15.36 22.23 15.10
C SER A 30 -15.36 22.23 15.11
N ARG A 31 -15.96 21.31 14.34
CA ARG A 31 -17.29 20.82 14.64
C ARG A 31 -17.31 19.45 15.34
N TYR A 32 -16.14 18.85 15.57
CA TYR A 32 -16.08 17.49 16.08
C TYR A 32 -15.42 17.42 17.44
N TRP A 33 -15.93 16.56 18.30
CA TRP A 33 -15.12 16.15 19.45
C TRP A 33 -13.89 15.42 18.92
N MET A 34 -12.82 15.48 19.70
CA MET A 34 -11.59 14.79 19.35
C MET A 34 -11.14 13.93 20.52
N THR A 35 -10.41 12.86 20.21
CA THR A 35 -10.15 11.76 21.13
C THR A 35 -8.69 11.32 21.06
N TRP A 36 -8.13 10.95 22.21
CA TRP A 36 -6.85 10.27 22.28
C TRP A 36 -7.04 8.86 22.80
N VAL A 37 -6.34 7.91 22.19
CA VAL A 37 -6.30 6.50 22.59
C VAL A 37 -4.84 6.06 22.52
N ARG A 38 -4.44 5.17 23.41
CA ARG A 38 -3.06 4.68 23.36
C ARG A 38 -3.00 3.15 23.37
N GLN A 39 -1.87 2.63 22.94
CA GLN A 39 -1.68 1.17 22.86
C GLN A 39 -0.23 0.85 23.18
N ALA A 40 0.00 0.24 24.33
CA ALA A 40 1.34 -0.18 24.70
C ALA A 40 1.79 -1.28 23.75
N PRO A 41 3.10 -1.39 23.50
CA PRO A 41 3.59 -2.42 22.59
C PRO A 41 3.05 -3.82 22.89
N GLY A 42 2.42 -4.45 21.91
CA GLY A 42 1.88 -5.79 22.07
C GLY A 42 0.63 -5.91 22.90
N LYS A 43 0.03 -4.80 23.35
CA LYS A 43 -1.12 -4.80 24.22
C LYS A 43 -2.34 -4.21 23.50
N GLY A 44 -3.43 -4.05 24.23
CA GLY A 44 -4.68 -3.60 23.68
C GLY A 44 -4.83 -2.09 23.72
N LEU A 45 -5.97 -1.63 23.22
CA LEU A 45 -6.29 -0.20 23.20
C LEU A 45 -6.75 0.28 24.55
N VAL A 46 -6.35 1.50 24.91
CA VAL A 46 -6.72 2.14 26.16
C VAL A 46 -7.14 3.58 25.84
N TRP A 47 -8.35 3.96 26.24
CA TRP A 47 -8.83 5.33 26.00
C TRP A 47 -8.10 6.30 26.92
N VAL A 48 -7.65 7.43 26.37
CA VAL A 48 -6.98 8.46 27.15
C VAL A 48 -7.90 9.63 27.49
N GLY A 49 -8.70 10.10 26.54
CA GLY A 49 -9.67 11.14 26.84
C GLY A 49 -10.24 11.75 25.58
N GLU A 50 -11.13 12.75 25.79
CA GLU A 50 -11.78 13.44 24.68
C GLU A 50 -12.03 14.89 25.05
N ILE A 51 -12.25 15.69 24.00
CA ILE A 51 -12.49 17.12 24.17
C ILE A 51 -13.54 17.58 23.17
N ASN A 52 -14.48 18.38 23.63
CA ASN A 52 -15.57 18.83 22.75
C ASN A 52 -15.14 20.03 21.90
N PRO A 53 -15.97 20.42 20.93
CA PRO A 53 -15.51 21.43 19.97
C PRO A 53 -15.04 22.73 20.60
N ASP A 54 -15.75 23.28 21.59
CA ASP A 54 -15.38 24.56 22.17
C ASP A 54 -14.51 24.44 23.42
N SER A 55 -14.02 23.23 23.73
CA SER A 55 -13.14 22.96 24.87
C SER A 55 -13.79 23.17 26.24
N SER A 56 -15.10 23.27 26.31
CA SER A 56 -15.78 23.43 27.59
C SER A 56 -15.99 22.11 28.32
N THR A 57 -15.82 20.97 27.63
CA THR A 57 -15.87 19.66 28.26
C THR A 57 -14.64 18.88 27.85
N ILE A 58 -13.90 18.39 28.82
CA ILE A 58 -12.74 17.54 28.61
C ILE A 58 -12.88 16.37 29.58
N ASN A 59 -12.92 15.15 29.06
CA ASN A 59 -13.07 13.94 29.86
C ASN A 59 -11.78 13.14 29.79
N TYR A 60 -11.33 12.59 30.91
CA TYR A 60 -10.05 11.92 30.99
C TYR A 60 -10.21 10.51 31.55
N ALA A 61 -9.32 9.62 31.13
CA ALA A 61 -9.18 8.32 31.80
C ALA A 61 -8.65 8.52 33.21
N PRO A 62 -9.11 7.73 34.18
CA PRO A 62 -8.53 7.82 35.53
C PRO A 62 -7.03 7.62 35.57
N SER A 63 -6.45 6.81 34.69
CA SER A 63 -5.02 6.54 34.72
C SER A 63 -4.17 7.76 34.37
N VAL A 64 -4.76 8.81 33.82
CA VAL A 64 -4.00 9.97 33.39
C VAL A 64 -4.47 11.27 34.02
N LYS A 65 -5.58 11.27 34.76
CA LYS A 65 -6.12 12.49 35.32
C LYS A 65 -5.11 13.13 36.26
N GLY A 66 -4.89 14.43 36.07
CA GLY A 66 -3.94 15.14 36.90
C GLY A 66 -2.50 15.10 36.43
N ARG A 67 -2.19 14.30 35.42
CA ARG A 67 -0.89 14.30 34.80
C ARG A 67 -0.93 14.73 33.35
N PHE A 68 -2.00 14.42 32.62
CA PHE A 68 -2.12 14.76 31.22
C PHE A 68 -3.18 15.85 31.06
N THR A 69 -2.96 16.71 30.07
CA THR A 69 -3.90 17.77 29.72
C THR A 69 -4.18 17.71 28.23
N ILE A 70 -5.46 17.61 27.87
CA ILE A 70 -5.90 17.67 26.48
C ILE A 70 -6.34 19.08 26.16
N SER A 71 -5.96 19.57 24.99
CA SER A 71 -6.40 20.87 24.52
C SER A 71 -6.50 20.83 23.01
N ARG A 72 -7.03 21.90 22.43
CA ARG A 72 -7.10 22.01 20.98
C ARG A 72 -7.01 23.47 20.58
N ASP A 73 -6.58 23.70 19.34
CA ASP A 73 -6.54 25.03 18.74
C ASP A 73 -7.28 24.93 17.42
N ASN A 74 -8.56 25.33 17.42
CA ASN A 74 -9.38 25.18 16.21
C ASN A 74 -8.87 26.06 15.09
N ALA A 75 -8.22 27.18 15.41
CA ALA A 75 -7.66 28.02 14.35
C ALA A 75 -6.55 27.34 13.58
N LYS A 76 -5.87 26.36 14.19
CA LYS A 76 -4.81 25.60 13.55
C LYS A 76 -5.25 24.17 13.26
N ASN A 77 -6.54 23.87 13.51
CA ASN A 77 -7.07 22.51 13.29
C ASN A 77 -6.22 21.46 13.99
N THR A 78 -5.74 21.75 15.20
CA THR A 78 -4.81 20.86 15.88
C THR A 78 -5.27 20.49 17.28
N LEU A 79 -5.12 19.21 17.61
CA LEU A 79 -5.40 18.63 18.91
C LEU A 79 -4.08 18.36 19.59
N TYR A 80 -4.04 18.60 20.93
CA TYR A 80 -2.80 18.39 21.69
C TYR A 80 -3.01 17.47 22.89
N LEU A 81 -1.94 16.78 23.26
CA LEU A 81 -1.91 16.01 24.50
C LEU A 81 -0.62 16.40 25.20
N GLN A 82 -0.73 17.12 26.32
CA GLN A 82 0.44 17.48 27.12
C GLN A 82 0.57 16.45 28.24
N MET A 83 1.68 15.73 28.25
CA MET A 83 1.90 14.68 29.24
C MET A 83 3.01 15.09 30.20
N ASN A 84 2.70 15.03 31.49
CA ASN A 84 3.65 15.35 32.54
C ASN A 84 3.83 14.11 33.41
N SER A 85 4.91 14.12 34.20
N SER A 85 4.90 14.14 34.21
CA SER A 85 5.17 13.06 35.17
CA SER A 85 5.21 13.06 35.16
C SER A 85 5.10 11.68 34.50
C SER A 85 5.09 11.69 34.50
N LEU A 86 5.73 11.56 33.34
CA LEU A 86 5.64 10.32 32.57
C LEU A 86 6.36 9.17 33.26
N ARG A 87 5.77 7.99 33.16
CA ARG A 87 6.32 6.76 33.72
C ARG A 87 6.47 5.71 32.64
N ALA A 88 7.24 4.66 32.95
CA ALA A 88 7.41 3.59 31.99
C ALA A 88 6.09 3.02 31.51
N GLU A 89 5.10 2.93 32.40
CA GLU A 89 3.80 2.37 32.04
C GLU A 89 3.06 3.23 31.03
N ASP A 90 3.52 4.44 30.78
CA ASP A 90 2.94 5.30 29.75
C ASP A 90 3.53 5.05 28.36
N THR A 91 4.57 4.23 28.23
CA THR A 91 5.11 3.89 26.91
C THR A 91 4.02 3.27 26.06
N ALA A 92 3.80 3.83 24.87
CA ALA A 92 2.70 3.38 24.03
C ALA A 92 2.74 4.14 22.73
N VAL A 93 2.03 3.61 21.73
CA VAL A 93 1.66 4.39 20.56
C VAL A 93 0.40 5.17 20.92
N TYR A 94 0.46 6.49 20.70
CA TYR A 94 -0.66 7.39 21.00
C TYR A 94 -1.34 7.76 19.70
N TYR A 95 -2.64 7.50 19.65
CA TYR A 95 -3.44 7.77 18.47
C TYR A 95 -4.44 8.89 18.77
N CYS A 96 -4.64 9.75 17.81
CA CYS A 96 -5.80 10.63 17.86
C CYS A 96 -6.89 10.10 16.95
N ALA A 97 -8.12 10.49 17.25
CA ALA A 97 -9.29 10.07 16.46
C ALA A 97 -10.35 11.15 16.54
N SER A 98 -11.11 11.29 15.46
CA SER A 98 -12.28 12.17 15.45
C SER A 98 -13.48 11.47 16.09
N GLY A 99 -14.36 12.28 16.66
CA GLY A 99 -15.59 11.76 17.23
C GLY A 99 -15.35 10.57 18.13
N VAL A 100 -16.21 9.57 18.02
CA VAL A 100 -16.03 8.30 18.73
C VAL A 100 -15.45 7.31 17.71
N PHE A 101 -14.19 7.49 17.39
CA PHE A 101 -13.40 6.56 16.60
C PHE A 101 -13.69 6.56 15.10
N THR A 102 -14.12 7.70 14.54
CA THR A 102 -14.57 7.69 13.15
C THR A 102 -13.48 7.92 12.11
N SER A 103 -12.31 8.39 12.54
N SER A 103 -12.29 8.34 12.54
CA SER A 103 -11.13 8.50 11.69
CA SER A 103 -11.13 8.51 11.68
C SER A 103 -9.93 8.55 12.64
C SER A 103 -9.92 8.64 12.59
N TRP A 104 -8.79 8.06 12.17
CA TRP A 104 -7.64 7.87 13.06
C TRP A 104 -6.35 8.43 12.48
N GLY A 105 -5.52 8.96 13.35
CA GLY A 105 -4.15 9.24 13.00
C GLY A 105 -3.31 8.00 12.92
N GLN A 106 -2.07 8.18 12.46
CA GLN A 106 -1.19 7.06 12.21
C GLN A 106 -0.59 6.50 13.49
N GLY A 107 -0.62 7.28 14.55
CA GLY A 107 0.02 6.91 15.79
C GLY A 107 1.43 7.45 15.91
N THR A 108 1.82 7.81 17.12
CA THR A 108 3.21 8.18 17.40
C THR A 108 3.64 7.48 18.67
N LEU A 109 4.82 6.85 18.64
CA LEU A 109 5.32 6.05 19.75
C LEU A 109 6.05 6.95 20.74
N VAL A 110 5.61 6.90 21.99
CA VAL A 110 6.29 7.57 23.10
C VAL A 110 6.96 6.47 23.91
N THR A 111 8.29 6.55 24.06
CA THR A 111 9.04 5.62 24.89
C THR A 111 9.56 6.36 26.11
N VAL A 112 9.13 5.92 27.28
CA VAL A 112 9.54 6.53 28.56
C VAL A 112 10.66 5.66 29.10
N SER A 113 11.89 6.14 29.01
CA SER A 113 13.06 5.35 29.37
C SER A 113 14.20 6.29 29.69
N SER A 114 15.11 5.78 30.55
CA SER A 114 16.33 6.49 30.94
C SER A 114 17.49 6.15 30.02
N ALA A 115 17.32 5.27 29.06
CA ALA A 115 18.42 4.87 28.19
C ALA A 115 18.67 5.94 27.14
N SER A 116 19.90 5.98 26.65
N SER A 116 19.89 5.94 26.60
CA SER A 116 20.27 6.93 25.62
CA SER A 116 20.26 6.87 25.56
C SER A 116 19.97 6.35 24.25
C SER A 116 19.77 6.38 24.19
N THR A 117 19.61 7.23 23.33
N THR A 117 19.69 7.30 23.24
CA THR A 117 19.39 6.81 21.96
CA THR A 117 19.41 6.91 21.87
C THR A 117 20.65 6.14 21.41
C THR A 117 20.65 6.28 21.26
N LYS A 118 20.44 5.21 20.49
CA LYS A 118 21.53 4.52 19.81
C LYS A 118 21.07 4.15 18.41
N GLY A 119 21.85 4.56 17.40
CA GLY A 119 21.51 4.26 16.03
C GLY A 119 21.92 2.85 15.64
N PRO A 120 21.20 2.26 14.69
CA PRO A 120 21.48 0.87 14.31
C PRO A 120 22.70 0.73 13.42
N SER A 121 23.28 -0.47 13.46
CA SER A 121 24.18 -0.96 12.42
C SER A 121 23.32 -1.72 11.43
N VAL A 122 23.64 -1.60 10.15
CA VAL A 122 22.88 -2.25 9.09
C VAL A 122 23.84 -3.18 8.35
N PHE A 123 23.55 -4.48 8.37
CA PHE A 123 24.42 -5.46 7.77
C PHE A 123 23.67 -6.23 6.68
N PRO A 124 24.33 -6.61 5.60
CA PRO A 124 23.64 -7.38 4.56
C PRO A 124 23.43 -8.83 4.99
N LEU A 125 22.33 -9.39 4.51
CA LEU A 125 22.01 -10.81 4.64
C LEU A 125 21.99 -11.40 3.23
N ALA A 126 22.95 -12.26 2.94
CA ALA A 126 22.99 -12.92 1.63
C ALA A 126 23.50 -14.35 1.85
N PRO A 127 22.81 -15.34 1.30
CA PRO A 127 23.23 -16.73 1.52
C PRO A 127 24.50 -17.05 0.76
N CYS A 128 25.05 -18.23 1.06
CA CYS A 128 26.08 -18.80 0.21
C CYS A 128 25.45 -19.38 -1.06
N SER A 129 26.29 -19.50 -2.09
CA SER A 129 25.84 -20.05 -3.37
C SER A 129 25.22 -21.44 -3.17
N ARG A 130 24.33 -21.79 -4.09
CA ARG A 130 23.55 -23.02 -4.05
C ARG A 130 23.77 -23.82 -5.33
N SER A 131 23.67 -25.15 -5.22
CA SER A 131 23.89 -26.04 -6.36
C SER A 131 22.68 -26.94 -6.66
N THR A 132 21.57 -26.73 -5.95
CA THR A 132 20.28 -27.33 -6.29
C THR A 132 19.29 -26.19 -6.49
N SER A 133 18.53 -26.25 -7.58
CA SER A 133 17.58 -25.18 -7.84
C SER A 133 16.54 -25.13 -6.73
N GLU A 134 16.15 -23.92 -6.36
CA GLU A 134 15.09 -23.66 -5.38
C GLU A 134 14.22 -22.59 -5.99
N SER A 135 12.94 -22.55 -5.59
CA SER A 135 12.00 -21.72 -6.32
C SER A 135 12.16 -20.23 -6.02
N THR A 136 12.68 -19.87 -4.84
CA THR A 136 12.90 -18.50 -4.47
C THR A 136 14.33 -18.28 -4.01
N ALA A 137 14.77 -17.04 -4.10
CA ALA A 137 16.07 -16.60 -3.60
C ALA A 137 15.82 -15.50 -2.58
N ALA A 138 16.61 -15.49 -1.51
CA ALA A 138 16.40 -14.57 -0.40
C ALA A 138 17.60 -13.68 -0.18
N LEU A 139 17.31 -12.45 0.25
CA LEU A 139 18.29 -11.46 0.65
C LEU A 139 17.66 -10.64 1.77
N GLY A 140 18.48 -9.86 2.46
CA GLY A 140 17.91 -9.00 3.47
C GLY A 140 18.91 -8.06 4.08
N CYS A 141 18.47 -7.42 5.18
N CYS A 141 18.49 -7.34 5.12
CA CYS A 141 19.28 -6.52 5.97
CA CYS A 141 19.46 -6.61 5.93
C CYS A 141 19.02 -6.84 7.43
C CYS A 141 19.07 -6.69 7.40
N LEU A 142 20.09 -6.89 8.22
CA LEU A 142 20.00 -7.05 9.67
C LEU A 142 20.23 -5.67 10.26
N VAL A 143 19.25 -5.19 11.02
CA VAL A 143 19.25 -3.86 11.60
C VAL A 143 19.45 -4.05 13.10
N LYS A 144 20.66 -3.90 13.56
CA LYS A 144 21.04 -4.38 14.87
C LYS A 144 21.49 -3.25 15.79
N ASP A 145 21.08 -3.35 17.06
CA ASP A 145 21.60 -2.57 18.17
C ASP A 145 21.14 -1.12 18.13
N TYR A 146 19.83 -0.90 18.23
CA TYR A 146 19.30 0.45 18.24
C TYR A 146 18.35 0.64 19.42
N PHE A 147 18.15 1.90 19.77
CA PHE A 147 17.20 2.27 20.81
C PHE A 147 16.83 3.72 20.63
N PRO A 148 15.56 4.11 20.83
CA PRO A 148 14.37 3.29 21.11
C PRO A 148 13.81 2.79 19.81
N GLU A 149 12.68 2.09 19.86
CA GLU A 149 11.88 1.92 18.66
C GLU A 149 11.35 3.28 18.24
N PRO A 150 10.97 3.45 16.97
CA PRO A 150 10.95 2.48 15.90
C PRO A 150 12.03 2.70 14.86
N VAL A 151 12.38 1.63 14.11
CA VAL A 151 13.04 1.77 12.82
C VAL A 151 12.02 1.49 11.75
N THR A 152 12.14 2.17 10.62
CA THR A 152 11.34 1.81 9.45
C THR A 152 12.28 1.27 8.39
N VAL A 153 11.81 0.28 7.64
CA VAL A 153 12.58 -0.31 6.56
C VAL A 153 11.70 -0.34 5.31
N SER A 154 12.28 0.08 4.21
N SER A 154 12.27 0.09 4.20
CA SER A 154 11.69 -0.09 2.89
CA SER A 154 11.68 -0.08 2.89
C SER A 154 12.74 -0.73 2.00
C SER A 154 12.75 -0.67 1.97
N TRP A 155 12.32 -1.15 0.80
CA TRP A 155 13.23 -1.71 -0.18
C TRP A 155 13.02 -0.95 -1.47
N ASN A 156 14.10 -0.53 -2.07
CA ASN A 156 14.05 0.22 -3.33
C ASN A 156 13.07 1.36 -3.23
N SER A 157 13.14 2.07 -2.10
CA SER A 157 12.35 3.29 -1.88
C SER A 157 10.86 3.04 -1.87
N GLY A 158 10.44 1.84 -1.48
CA GLY A 158 9.06 1.46 -1.42
C GLY A 158 8.49 0.87 -2.70
N ALA A 159 9.29 0.80 -3.75
CA ALA A 159 8.86 0.14 -4.98
C ALA A 159 8.82 -1.38 -4.85
N LEU A 160 9.65 -1.95 -3.97
CA LEU A 160 9.70 -3.40 -3.78
C LEU A 160 8.93 -3.74 -2.52
N THR A 161 7.76 -4.35 -2.68
CA THR A 161 6.94 -4.75 -1.54
C THR A 161 6.56 -6.22 -1.60
N SER A 162 6.42 -6.79 -2.80
CA SER A 162 6.06 -8.18 -2.91
C SER A 162 7.23 -9.03 -2.45
N GLY A 163 6.95 -9.95 -1.54
CA GLY A 163 7.97 -10.83 -1.03
C GLY A 163 8.75 -10.28 0.14
N VAL A 164 8.44 -9.08 0.60
CA VAL A 164 9.14 -8.48 1.74
C VAL A 164 8.49 -8.91 3.05
N HIS A 165 9.33 -9.26 4.02
CA HIS A 165 8.89 -9.45 5.40
C HIS A 165 9.86 -8.71 6.31
N THR A 166 9.37 -7.70 7.02
CA THR A 166 10.15 -7.01 8.04
C THR A 166 9.66 -7.52 9.38
N PHE A 167 10.58 -8.13 10.14
CA PHE A 167 10.19 -8.81 11.35
C PHE A 167 10.01 -7.82 12.51
N PRO A 168 9.13 -8.15 13.45
CA PRO A 168 9.07 -7.37 14.68
C PRO A 168 10.40 -7.35 15.39
N ALA A 169 10.75 -6.17 15.93
CA ALA A 169 12.01 -6.10 16.65
C ALA A 169 11.95 -6.96 17.92
N VAL A 170 13.14 -7.35 18.38
N VAL A 170 13.12 -7.43 18.32
CA VAL A 170 13.29 -8.16 19.57
CA VAL A 170 13.30 -8.15 19.57
C VAL A 170 14.35 -7.52 20.46
C VAL A 170 14.23 -7.30 20.43
N LEU A 171 14.01 -7.37 21.74
CA LEU A 171 14.94 -6.79 22.70
C LEU A 171 16.04 -7.80 23.01
N GLN A 172 17.28 -7.41 22.72
CA GLN A 172 18.41 -8.26 23.01
C GLN A 172 18.79 -8.17 24.48
N SER A 173 19.67 -9.09 24.92
CA SER A 173 20.07 -9.09 26.33
C SER A 173 20.84 -7.83 26.71
N SER A 174 21.33 -7.07 25.73
CA SER A 174 22.03 -5.82 25.94
C SER A 174 21.08 -4.66 26.22
N GLY A 175 19.77 -4.84 26.01
CA GLY A 175 18.84 -3.75 26.13
C GLY A 175 18.62 -2.97 24.86
N LEU A 176 19.24 -3.40 23.78
CA LEU A 176 19.06 -2.78 22.48
C LEU A 176 18.22 -3.66 21.58
N TYR A 177 17.49 -3.04 20.68
CA TYR A 177 16.61 -3.75 19.76
C TYR A 177 17.38 -4.19 18.51
N SER A 178 16.87 -5.23 17.87
CA SER A 178 17.36 -5.69 16.58
C SER A 178 16.20 -6.25 15.79
N LEU A 179 16.26 -6.10 14.47
CA LEU A 179 15.33 -6.79 13.59
C LEU A 179 16.00 -7.09 12.27
N SER A 180 15.39 -7.95 11.48
CA SER A 180 15.79 -8.21 10.11
C SER A 180 14.61 -7.93 9.20
N SER A 181 14.93 -7.50 8.00
CA SER A 181 13.99 -7.37 6.89
C SER A 181 14.53 -8.22 5.73
N VAL A 182 13.68 -9.07 5.19
CA VAL A 182 14.08 -9.99 4.14
C VAL A 182 13.16 -9.80 2.96
N VAL A 183 13.68 -10.14 1.79
N VAL A 183 13.70 -10.13 1.79
CA VAL A 183 12.86 -10.20 0.58
CA VAL A 183 12.97 -10.20 0.53
C VAL A 183 13.22 -11.47 -0.16
C VAL A 183 13.23 -11.57 -0.07
N THR A 184 12.18 -12.19 -0.61
CA THR A 184 12.36 -13.41 -1.39
C THR A 184 11.69 -13.19 -2.74
N VAL A 185 12.37 -13.62 -3.80
CA VAL A 185 11.89 -13.39 -5.17
C VAL A 185 12.02 -14.69 -5.95
N PRO A 186 11.25 -14.84 -7.03
CA PRO A 186 11.47 -16.00 -7.90
C PRO A 186 12.90 -16.04 -8.38
N SER A 187 13.50 -17.22 -8.26
CA SER A 187 14.95 -17.32 -8.41
C SER A 187 15.47 -16.76 -9.72
N SER A 188 14.80 -17.03 -10.84
CA SER A 188 15.37 -16.60 -12.11
C SER A 188 15.32 -15.09 -12.28
N SER A 189 14.51 -14.40 -11.48
CA SER A 189 14.42 -12.96 -11.53
C SER A 189 15.47 -12.25 -10.68
N LEU A 190 16.27 -12.99 -9.93
CA LEU A 190 17.13 -12.36 -8.94
C LEU A 190 18.03 -11.29 -9.55
N GLY A 191 18.68 -11.60 -10.67
CA GLY A 191 19.60 -10.69 -11.30
C GLY A 191 19.00 -9.57 -12.11
N THR A 192 17.69 -9.46 -12.18
CA THR A 192 17.03 -8.47 -13.04
C THR A 192 16.86 -7.13 -12.36
N LYS A 193 17.17 -7.03 -11.07
CA LYS A 193 17.12 -5.74 -10.39
C LYS A 193 18.18 -5.75 -9.30
N THR A 194 18.39 -4.57 -8.72
CA THR A 194 19.21 -4.41 -7.54
C THR A 194 18.29 -4.30 -6.33
N TYR A 195 18.89 -4.53 -5.16
CA TYR A 195 18.18 -4.58 -3.88
C TYR A 195 18.85 -3.68 -2.86
N THR A 196 18.14 -2.62 -2.45
CA THR A 196 18.65 -1.67 -1.49
C THR A 196 17.64 -1.55 -0.36
N CYS A 197 18.11 -1.76 0.87
CA CYS A 197 17.24 -1.56 2.02
C CYS A 197 17.45 -0.17 2.59
N ASN A 198 16.37 0.52 2.78
CA ASN A 198 16.37 1.91 3.27
C ASN A 198 15.91 1.87 4.71
N VAL A 199 16.82 2.21 5.62
CA VAL A 199 16.62 2.07 7.06
C VAL A 199 16.64 3.47 7.66
N ASP A 200 15.57 3.84 8.36
N ASP A 200 15.54 3.84 8.33
CA ASP A 200 15.48 5.15 8.99
CA ASP A 200 15.44 5.11 9.03
C ASP A 200 15.22 4.99 10.48
C ASP A 200 15.31 4.85 10.52
N HIS A 201 16.09 5.58 11.31
CA HIS A 201 15.90 5.65 12.77
C HIS A 201 15.94 7.12 13.20
N LYS A 202 14.79 7.73 13.30
CA LYS A 202 14.74 9.17 13.54
C LYS A 202 15.39 9.57 14.86
N PRO A 203 15.28 8.80 15.95
CA PRO A 203 15.86 9.28 17.21
C PRO A 203 17.36 9.53 17.16
N SER A 204 18.07 8.79 16.31
CA SER A 204 19.53 8.91 16.19
C SER A 204 19.92 9.68 14.93
N ASN A 205 18.97 10.28 14.26
CA ASN A 205 19.26 10.97 13.00
C ASN A 205 19.95 10.04 12.00
N THR A 206 19.47 8.79 11.92
CA THR A 206 20.09 7.77 11.09
C THR A 206 19.22 7.50 9.87
N LYS A 207 19.84 7.56 8.69
CA LYS A 207 19.20 7.15 7.44
C LYS A 207 20.25 6.40 6.65
N VAL A 208 19.99 5.12 6.40
CA VAL A 208 20.97 4.22 5.76
C VAL A 208 20.28 3.58 4.57
N ASP A 209 20.97 3.57 3.43
CA ASP A 209 20.56 2.80 2.26
C ASP A 209 21.69 1.82 1.95
N LYS A 210 21.43 0.52 2.15
CA LYS A 210 22.43 -0.50 2.01
C LYS A 210 22.08 -1.36 0.80
N ARG A 211 23.00 -1.38 -0.17
CA ARG A 211 22.87 -2.27 -1.33
C ARG A 211 23.28 -3.67 -0.92
N VAL A 212 22.42 -4.65 -1.21
CA VAL A 212 22.66 -6.03 -0.84
C VAL A 212 22.88 -6.82 -2.12
N GLU A 213 24.06 -7.40 -2.26
CA GLU A 213 24.38 -8.21 -3.44
C GLU A 213 24.46 -9.68 -3.06
N SER A 214 23.88 -10.53 -3.92
CA SER A 214 23.92 -11.97 -3.69
C SER A 214 25.28 -12.54 -4.11
N ASP B 1 -15.62 1.79 36.53
CA ASP B 1 -15.42 1.64 35.04
C ASP B 1 -15.98 0.32 34.55
N ILE B 2 -16.43 0.30 33.31
CA ILE B 2 -17.10 -0.87 32.74
C ILE B 2 -16.06 -1.79 32.15
N VAL B 3 -16.10 -3.07 32.54
CA VAL B 3 -15.18 -4.07 32.05
C VAL B 3 -15.79 -4.78 30.85
N MET B 4 -15.01 -4.91 29.80
CA MET B 4 -15.40 -5.55 28.55
C MET B 4 -14.55 -6.81 28.41
N THR B 5 -15.21 -7.98 28.34
CA THR B 5 -14.50 -9.26 28.31
C THR B 5 -14.75 -9.98 26.99
N GLN B 6 -13.66 -10.19 26.23
CA GLN B 6 -13.64 -11.01 25.02
C GLN B 6 -12.42 -11.92 25.08
N THR B 7 -12.45 -13.02 24.29
CA THR B 7 -11.36 -13.99 24.27
C THR B 7 -10.20 -13.49 23.40
N PRO B 8 -8.97 -13.94 23.67
CA PRO B 8 -7.82 -13.42 22.91
C PRO B 8 -7.66 -14.00 21.51
N LEU B 9 -8.15 -15.21 21.24
CA LEU B 9 -7.95 -15.86 19.96
C LEU B 9 -9.25 -16.49 19.49
N SER B 10 -9.58 -16.31 18.22
CA SER B 10 -10.69 -17.02 17.64
C SER B 10 -10.27 -18.45 17.30
N SER B 11 -11.26 -19.31 17.14
CA SER B 11 -10.98 -20.60 16.52
C SER B 11 -10.51 -20.35 15.09
N PRO B 12 -9.56 -21.13 14.57
CA PRO B 12 -9.15 -20.95 13.17
C PRO B 12 -10.34 -21.09 12.24
N VAL B 13 -10.59 -20.04 11.46
CA VAL B 13 -11.71 -20.02 10.52
C VAL B 13 -11.18 -20.22 9.12
N THR B 14 -11.83 -21.11 8.37
CA THR B 14 -11.48 -21.35 6.99
C THR B 14 -12.02 -20.24 6.09
N LEU B 15 -11.24 -19.88 5.08
CA LEU B 15 -11.67 -18.90 4.09
C LEU B 15 -13.04 -19.28 3.54
N GLY B 16 -13.91 -18.29 3.46
CA GLY B 16 -15.24 -18.48 2.95
C GLY B 16 -16.26 -18.96 3.96
N GLN B 17 -15.83 -19.28 5.18
CA GLN B 17 -16.70 -19.70 6.26
C GLN B 17 -16.86 -18.60 7.30
N PRO B 18 -17.84 -18.72 8.19
CA PRO B 18 -18.12 -17.65 9.14
C PRO B 18 -17.32 -17.73 10.43
N ALA B 19 -17.06 -16.56 11.01
CA ALA B 19 -16.45 -16.43 12.31
C ALA B 19 -17.35 -15.58 13.19
N SER B 20 -17.39 -15.92 14.47
CA SER B 20 -18.18 -15.16 15.44
C SER B 20 -17.29 -14.81 16.61
N ILE B 21 -17.38 -13.55 17.05
CA ILE B 21 -16.60 -13.04 18.17
C ILE B 21 -17.57 -12.38 19.16
N SER B 22 -17.49 -12.76 20.42
CA SER B 22 -18.44 -12.28 21.42
C SER B 22 -17.75 -11.43 22.47
N CYS B 23 -18.52 -10.57 23.11
CA CYS B 23 -18.03 -9.69 24.16
C CYS B 23 -19.12 -9.52 25.20
N ARG B 24 -18.73 -9.51 26.49
CA ARG B 24 -19.64 -9.27 27.59
C ARG B 24 -19.18 -8.02 28.33
N SER B 25 -20.14 -7.21 28.74
CA SER B 25 -19.87 -6.02 29.54
C SER B 25 -20.29 -6.27 30.99
N SER B 26 -19.62 -5.58 31.92
CA SER B 26 -19.90 -5.77 33.34
C SER B 26 -21.15 -5.08 33.79
N GLN B 27 -21.71 -4.18 33.01
CA GLN B 27 -23.03 -3.61 33.29
C GLN B 27 -23.70 -3.26 31.96
N SER B 28 -24.99 -2.96 32.03
CA SER B 28 -25.76 -2.69 30.82
C SER B 28 -25.16 -1.50 30.09
N LEU B 29 -25.13 -1.60 28.74
CA LEU B 29 -24.63 -0.51 27.91
C LEU B 29 -25.75 0.35 27.35
N VAL B 30 -26.97 0.17 27.83
CA VAL B 30 -28.06 1.07 27.45
C VAL B 30 -27.88 2.38 28.20
N HIS B 31 -27.79 3.48 27.46
CA HIS B 31 -27.61 4.79 28.06
C HIS B 31 -28.95 5.35 28.51
N ARG B 32 -29.10 5.54 29.81
CA ARG B 32 -30.32 6.08 30.40
C ARG B 32 -31.56 5.43 29.79
N GLN B 33 -32.19 6.13 28.85
CA GLN B 33 -33.38 5.64 28.15
C GLN B 33 -33.23 5.84 26.65
N GLY B 34 -32.07 5.44 26.13
CA GLY B 34 -31.77 5.68 24.73
C GLY B 34 -30.92 4.60 24.07
N ASN B 35 -29.82 5.03 23.47
CA ASN B 35 -29.04 4.16 22.60
C ASN B 35 -28.14 3.24 23.41
N THR B 36 -27.63 2.21 22.73
CA THR B 36 -26.65 1.30 23.30
C THR B 36 -25.33 1.57 22.59
N TYR B 37 -24.39 2.19 23.31
CA TYR B 37 -23.13 2.61 22.70
C TYR B 37 -22.09 1.51 22.86
N PHE B 38 -22.29 0.45 22.08
CA PHE B 38 -21.38 -0.69 21.99
C PHE B 38 -20.89 -0.78 20.55
N HIS B 39 -19.57 -0.90 20.37
CA HIS B 39 -19.00 -0.87 19.03
C HIS B 39 -17.95 -1.94 18.85
N TRP B 40 -17.69 -2.26 17.59
CA TRP B 40 -16.61 -3.18 17.22
C TRP B 40 -15.59 -2.43 16.39
N LEU B 41 -14.31 -2.64 16.68
CA LEU B 41 -13.21 -2.07 15.90
C LEU B 41 -12.33 -3.20 15.36
N GLN B 42 -11.70 -2.92 14.22
CA GLN B 42 -10.76 -3.83 13.57
C GLN B 42 -9.39 -3.20 13.53
N GLN B 43 -8.35 -3.96 13.86
CA GLN B 43 -6.98 -3.45 13.76
C GLN B 43 -6.10 -4.46 13.04
N ARG B 44 -5.50 -4.04 11.98
CA ARG B 44 -4.48 -4.81 11.26
C ARG B 44 -3.09 -4.40 11.70
N PRO B 45 -2.10 -5.31 11.58
CA PRO B 45 -0.78 -5.02 12.15
C PRO B 45 -0.13 -3.80 11.53
N GLY B 46 0.49 -2.99 12.39
CA GLY B 46 1.11 -1.76 11.95
C GLY B 46 0.15 -0.67 11.56
N GLN B 47 -1.16 -0.93 11.67
CA GLN B 47 -2.15 0.06 11.26
C GLN B 47 -2.93 0.54 12.47
N PRO B 48 -3.48 1.73 12.44
CA PRO B 48 -4.40 2.15 13.49
C PRO B 48 -5.68 1.34 13.46
N PRO B 49 -6.42 1.31 14.55
CA PRO B 49 -7.74 0.68 14.52
C PRO B 49 -8.68 1.44 13.60
N ARG B 50 -9.73 0.73 13.19
CA ARG B 50 -10.78 1.23 12.32
C ARG B 50 -12.12 0.86 12.92
N LEU B 51 -13.05 1.82 12.93
CA LEU B 51 -14.40 1.53 13.38
C LEU B 51 -15.08 0.64 12.36
N LEU B 52 -15.66 -0.46 12.82
CA LEU B 52 -16.33 -1.44 11.98
C LEU B 52 -17.84 -1.38 12.13
N ILE B 53 -18.34 -1.57 13.34
CA ILE B 53 -19.76 -1.55 13.67
C ILE B 53 -19.92 -0.59 14.84
N TYR B 54 -20.90 0.30 14.76
CA TYR B 54 -21.19 1.20 15.86
C TYR B 54 -22.63 1.04 16.31
N LYS B 55 -22.87 1.31 17.59
CA LYS B 55 -24.18 1.17 18.23
C LYS B 55 -24.80 -0.19 17.90
N VAL B 56 -24.04 -1.23 18.20
CA VAL B 56 -24.44 -2.63 18.14
C VAL B 56 -24.44 -3.22 16.74
N SER B 57 -25.09 -2.55 15.78
CA SER B 57 -25.41 -3.18 14.50
C SER B 57 -25.24 -2.32 13.27
N ASN B 58 -24.78 -1.08 13.40
CA ASN B 58 -24.67 -0.18 12.26
C ASN B 58 -23.27 -0.32 11.64
N ARG B 59 -23.22 -0.62 10.34
CA ARG B 59 -21.94 -0.70 9.65
C ARG B 59 -21.42 0.70 9.39
N PHE B 60 -20.14 0.90 9.65
CA PHE B 60 -19.50 2.19 9.38
C PHE B 60 -19.12 2.26 7.90
N SER B 61 -18.61 3.41 7.47
CA SER B 61 -18.32 3.63 6.05
C SER B 61 -17.28 2.65 5.54
N GLY B 62 -17.53 2.14 4.33
CA GLY B 62 -16.60 1.21 3.72
C GLY B 62 -16.60 -0.17 4.30
N VAL B 63 -17.48 -0.45 5.25
CA VAL B 63 -17.57 -1.77 5.87
C VAL B 63 -18.55 -2.60 5.07
N PRO B 64 -18.13 -3.74 4.51
CA PRO B 64 -19.01 -4.53 3.66
C PRO B 64 -19.95 -5.40 4.46
N ASP B 65 -20.94 -5.95 3.76
CA ASP B 65 -22.05 -6.63 4.40
C ASP B 65 -21.66 -7.91 5.13
N ARG B 66 -20.47 -8.47 4.92
CA ARG B 66 -20.14 -9.71 5.61
C ARG B 66 -19.92 -9.48 7.11
N PHE B 67 -19.71 -8.22 7.53
CA PHE B 67 -19.59 -7.90 8.95
C PHE B 67 -20.96 -7.48 9.48
N SER B 68 -21.43 -8.15 10.52
N SER B 68 -21.40 -8.10 10.56
CA SER B 68 -22.70 -7.76 11.12
CA SER B 68 -22.73 -7.86 11.10
C SER B 68 -22.56 -7.87 12.62
C SER B 68 -22.68 -7.99 12.62
N GLY B 69 -23.41 -7.13 13.31
CA GLY B 69 -23.39 -7.09 14.75
C GLY B 69 -24.78 -7.34 15.30
N SER B 70 -24.81 -7.95 16.49
CA SER B 70 -26.05 -8.19 17.21
C SER B 70 -25.78 -8.19 18.70
N GLY B 71 -26.83 -8.33 19.49
CA GLY B 71 -26.73 -8.39 20.93
C GLY B 71 -27.55 -7.30 21.59
N ALA B 72 -27.54 -7.34 22.92
CA ALA B 72 -28.27 -6.34 23.69
C ALA B 72 -27.82 -6.41 25.14
N GLY B 73 -27.85 -5.25 25.80
CA GLY B 73 -27.62 -5.19 27.23
C GLY B 73 -26.18 -5.37 27.61
N THR B 74 -25.79 -6.62 27.89
CA THR B 74 -24.43 -6.92 28.27
C THR B 74 -23.75 -7.98 27.43
N ASP B 75 -24.40 -8.48 26.37
CA ASP B 75 -23.82 -9.53 25.56
C ASP B 75 -23.99 -9.19 24.07
N PHE B 76 -22.89 -9.26 23.34
CA PHE B 76 -22.84 -8.81 21.96
C PHE B 76 -21.96 -9.73 21.13
N THR B 77 -22.28 -9.82 19.85
CA THR B 77 -21.56 -10.69 18.92
C THR B 77 -21.32 -10.02 17.58
N LEU B 78 -20.09 -10.12 17.10
CA LEU B 78 -19.74 -9.76 15.73
C LEU B 78 -19.69 -11.04 14.91
N LYS B 79 -20.40 -11.05 13.79
CA LYS B 79 -20.30 -12.15 12.84
C LYS B 79 -19.59 -11.67 11.59
N ILE B 80 -18.59 -12.44 11.15
CA ILE B 80 -17.92 -12.24 9.86
C ILE B 80 -18.34 -13.43 9.02
N SER B 81 -19.17 -13.20 8.01
N SER B 81 -19.18 -13.21 8.02
CA SER B 81 -19.92 -14.31 7.40
CA SER B 81 -19.90 -14.33 7.41
C SER B 81 -19.07 -15.17 6.48
C SER B 81 -19.03 -15.18 6.50
N ARG B 82 -18.38 -14.57 5.52
CA ARG B 82 -17.62 -15.29 4.49
C ARG B 82 -16.19 -14.77 4.52
N VAL B 83 -15.43 -15.24 5.51
CA VAL B 83 -14.14 -14.62 5.81
C VAL B 83 -13.22 -14.62 4.60
N GLU B 84 -12.53 -13.50 4.43
CA GLU B 84 -11.52 -13.30 3.40
C GLU B 84 -10.15 -13.16 4.07
N ALA B 85 -9.11 -13.40 3.30
CA ALA B 85 -7.76 -13.36 3.87
C ALA B 85 -7.47 -11.98 4.47
N GLU B 86 -7.96 -10.91 3.83
CA GLU B 86 -7.72 -9.55 4.28
C GLU B 86 -8.38 -9.26 5.63
N ASP B 87 -9.26 -10.12 6.12
CA ASP B 87 -9.94 -9.90 7.38
C ASP B 87 -9.10 -10.29 8.59
N VAL B 88 -7.90 -10.81 8.37
CA VAL B 88 -7.02 -11.15 9.49
C VAL B 88 -6.63 -9.89 10.26
N GLY B 89 -6.54 -10.03 11.58
CA GLY B 89 -6.26 -8.92 12.47
C GLY B 89 -6.92 -9.14 13.80
N VAL B 90 -6.98 -8.06 14.58
CA VAL B 90 -7.51 -8.11 15.95
C VAL B 90 -8.79 -7.29 16.03
N TYR B 91 -9.82 -7.85 16.64
CA TYR B 91 -11.15 -7.22 16.73
C TYR B 91 -11.41 -6.86 18.18
N TYR B 92 -11.65 -5.58 18.43
CA TYR B 92 -11.89 -5.05 19.76
C TYR B 92 -13.35 -4.71 19.95
N CYS B 93 -13.93 -5.13 21.05
CA CYS B 93 -15.19 -4.53 21.48
C CYS B 93 -14.92 -3.26 22.27
N SER B 94 -15.93 -2.41 22.36
N SER B 94 -15.93 -2.42 22.37
CA SER B 94 -15.81 -1.09 22.94
CA SER B 94 -15.78 -1.17 23.08
C SER B 94 -17.15 -0.63 23.48
C SER B 94 -17.15 -0.70 23.54
N GLN B 95 -17.14 0.07 24.61
CA GLN B 95 -18.33 0.78 25.09
C GLN B 95 -18.00 2.25 25.23
N SER B 96 -18.96 3.09 24.85
CA SER B 96 -18.85 4.52 25.10
C SER B 96 -20.11 5.05 25.75
N THR B 97 -20.83 4.19 26.48
N THR B 97 -20.84 4.19 26.48
CA THR B 97 -22.02 4.65 27.19
CA THR B 97 -22.03 4.66 27.18
C THR B 97 -21.67 5.51 28.39
C THR B 97 -21.69 5.48 28.41
N HIS B 98 -20.54 5.23 29.01
CA HIS B 98 -20.08 6.00 30.16
C HIS B 98 -18.58 6.21 30.06
N VAL B 99 -18.12 7.34 30.59
CA VAL B 99 -16.68 7.62 30.64
C VAL B 99 -16.12 6.97 31.90
N PRO B 100 -14.88 6.46 31.85
CA PRO B 100 -14.01 6.36 30.67
C PRO B 100 -14.53 5.33 29.69
N TYR B 101 -14.46 5.62 28.39
CA TYR B 101 -14.75 4.58 27.42
C TYR B 101 -13.75 3.44 27.61
N THR B 102 -14.20 2.21 27.37
CA THR B 102 -13.35 1.06 27.62
C THR B 102 -13.43 0.09 26.46
N PHE B 103 -12.40 -0.76 26.38
CA PHE B 103 -12.24 -1.71 25.29
C PHE B 103 -12.01 -3.10 25.87
N GLY B 104 -12.41 -4.11 25.10
CA GLY B 104 -11.99 -5.47 25.41
C GLY B 104 -10.52 -5.65 25.07
N GLN B 105 -9.99 -6.84 25.43
CA GLN B 105 -8.57 -7.08 25.24
C GLN B 105 -8.20 -7.34 23.79
N GLY B 106 -9.19 -7.55 22.93
CA GLY B 106 -8.94 -7.83 21.55
C GLY B 106 -8.96 -9.31 21.25
N THR B 107 -9.71 -9.72 20.23
CA THR B 107 -9.75 -11.11 19.79
C THR B 107 -9.04 -11.18 18.44
N LYS B 108 -7.97 -11.99 18.36
CA LYS B 108 -7.28 -12.16 17.09
C LYS B 108 -8.00 -13.20 16.24
N LEU B 109 -8.34 -12.81 15.02
CA LEU B 109 -8.89 -13.71 14.02
C LEU B 109 -7.75 -14.47 13.36
N GLU B 110 -7.77 -15.80 13.45
CA GLU B 110 -6.78 -16.65 12.79
C GLU B 110 -7.45 -17.37 11.62
N ILE B 111 -6.84 -17.30 10.46
CA ILE B 111 -7.37 -17.93 9.27
C ILE B 111 -6.74 -19.31 9.15
N LYS B 112 -7.58 -20.32 8.94
CA LYS B 112 -7.13 -21.67 8.72
C LYS B 112 -6.99 -21.88 7.22
N ARG B 113 -5.79 -22.26 6.79
CA ARG B 113 -5.48 -22.50 5.39
C ARG B 113 -4.81 -23.87 5.31
N THR B 114 -4.54 -24.30 4.07
CA THR B 114 -3.83 -25.55 3.87
C THR B 114 -2.44 -25.47 4.49
N VAL B 115 -1.94 -26.62 4.94
CA VAL B 115 -0.57 -26.70 5.44
C VAL B 115 0.39 -26.25 4.38
N ALA B 116 1.37 -25.44 4.79
CA ALA B 116 2.40 -24.93 3.90
C ALA B 116 3.73 -25.06 4.60
N ALA B 117 4.65 -25.81 4.00
CA ALA B 117 5.97 -25.96 4.56
C ALA B 117 6.77 -24.68 4.41
N PRO B 118 7.65 -24.39 5.36
CA PRO B 118 8.51 -23.21 5.22
C PRO B 118 9.59 -23.44 4.17
N SER B 119 9.91 -22.39 3.45
CA SER B 119 11.15 -22.29 2.70
C SER B 119 12.23 -21.77 3.64
N VAL B 120 13.33 -22.46 3.73
CA VAL B 120 14.35 -22.19 4.73
C VAL B 120 15.58 -21.63 4.06
N PHE B 121 16.16 -20.58 4.67
CA PHE B 121 17.40 -19.96 4.23
C PHE B 121 18.29 -19.70 5.43
N ILE B 122 19.60 -19.80 5.23
CA ILE B 122 20.59 -19.45 6.26
C ILE B 122 21.53 -18.37 5.70
N PHE B 123 21.80 -17.37 6.54
CA PHE B 123 22.62 -16.23 6.16
C PHE B 123 23.82 -16.16 7.08
N PRO B 124 25.05 -16.30 6.58
CA PRO B 124 26.21 -16.15 7.42
C PRO B 124 26.37 -14.73 7.91
N PRO B 125 27.21 -14.51 8.91
CA PRO B 125 27.56 -13.13 9.29
C PRO B 125 28.26 -12.43 8.14
N SER B 126 27.97 -11.13 8.01
CA SER B 126 28.61 -10.34 6.97
C SER B 126 30.05 -10.04 7.35
N ASP B 127 30.90 -9.90 6.32
CA ASP B 127 32.28 -9.50 6.60
C ASP B 127 32.31 -8.17 7.34
N GLU B 128 31.39 -7.27 7.01
CA GLU B 128 31.30 -6.00 7.72
C GLU B 128 31.12 -6.20 9.21
N GLN B 129 30.16 -7.06 9.60
CA GLN B 129 29.92 -7.28 11.03
C GLN B 129 31.12 -7.95 11.69
N LEU B 130 31.74 -8.92 11.01
CA LEU B 130 32.83 -9.66 11.62
C LEU B 130 33.99 -8.75 11.97
N LYS B 131 34.16 -7.67 11.23
CA LYS B 131 35.24 -6.75 11.58
C LYS B 131 35.00 -6.02 12.90
N SER B 132 33.92 -6.33 13.63
CA SER B 132 33.56 -5.58 14.83
C SER B 132 33.51 -6.42 16.11
N GLY B 133 33.72 -7.73 16.02
CA GLY B 133 33.81 -8.55 17.22
C GLY B 133 32.61 -9.40 17.53
N THR B 134 31.53 -9.27 16.76
CA THR B 134 30.33 -10.07 16.95
C THR B 134 29.97 -10.75 15.64
N ALA B 135 29.34 -11.92 15.75
CA ALA B 135 28.87 -12.66 14.59
C ALA B 135 27.40 -12.99 14.79
N SER B 136 26.55 -12.55 13.88
CA SER B 136 25.15 -12.91 13.87
C SER B 136 24.89 -13.86 12.71
N VAL B 137 24.28 -14.99 13.00
CA VAL B 137 23.84 -15.96 11.98
C VAL B 137 22.32 -15.97 11.99
N VAL B 138 21.70 -15.88 10.82
CA VAL B 138 20.25 -15.71 10.71
C VAL B 138 19.68 -16.87 9.92
N CYS B 139 18.64 -17.48 10.46
CA CYS B 139 17.88 -18.53 9.77
C CYS B 139 16.48 -17.99 9.52
N LEU B 140 16.01 -18.10 8.28
CA LEU B 140 14.71 -17.62 7.87
C LEU B 140 13.83 -18.81 7.51
N LEU B 141 12.60 -18.83 8.06
CA LEU B 141 11.55 -19.77 7.70
C LEU B 141 10.46 -18.95 7.07
N ASN B 142 10.24 -19.10 5.77
CA ASN B 142 9.37 -18.21 5.04
C ASN B 142 8.06 -18.87 4.63
N ASN B 143 6.96 -18.18 4.91
CA ASN B 143 5.64 -18.47 4.33
C ASN B 143 5.17 -19.89 4.64
N PHE B 144 4.92 -20.14 5.92
CA PHE B 144 4.49 -21.45 6.38
C PHE B 144 3.19 -21.35 7.18
N TYR B 145 2.52 -22.50 7.29
CA TYR B 145 1.30 -22.62 8.07
C TYR B 145 1.16 -24.08 8.46
N PRO B 146 0.79 -24.41 9.71
CA PRO B 146 0.47 -23.53 10.84
C PRO B 146 1.68 -22.88 11.51
N ARG B 147 1.42 -22.09 12.57
CA ARG B 147 2.47 -21.25 13.14
C ARG B 147 3.52 -22.05 13.88
N GLU B 148 3.15 -23.19 14.45
CA GLU B 148 4.09 -23.98 15.24
C GLU B 148 5.23 -24.48 14.38
N ALA B 149 6.46 -24.22 14.82
CA ALA B 149 7.67 -24.65 14.14
C ALA B 149 8.79 -24.76 15.15
N LYS B 150 9.67 -25.74 14.95
CA LYS B 150 10.82 -25.94 15.83
C LYS B 150 12.08 -25.63 15.04
N VAL B 151 12.93 -24.74 15.58
CA VAL B 151 14.19 -24.38 14.98
C VAL B 151 15.31 -24.70 15.96
N GLN B 152 16.30 -25.44 15.51
CA GLN B 152 17.47 -25.77 16.33
C GLN B 152 18.72 -25.33 15.59
N TRP B 153 19.67 -24.76 16.33
CA TRP B 153 20.97 -24.38 15.80
C TRP B 153 21.99 -25.44 16.20
N LYS B 154 22.76 -25.91 15.23
CA LYS B 154 23.86 -26.84 15.47
C LYS B 154 25.13 -26.18 14.97
N VAL B 155 26.16 -26.16 15.82
CA VAL B 155 27.46 -25.64 15.45
C VAL B 155 28.43 -26.80 15.62
N ASP B 156 29.01 -27.28 14.52
CA ASP B 156 29.77 -28.54 14.51
C ASP B 156 28.96 -29.65 15.17
N ASN B 157 27.67 -29.70 14.81
CA ASN B 157 26.67 -30.67 15.26
C ASN B 157 26.37 -30.60 16.75
N ALA B 158 26.86 -29.58 17.45
CA ALA B 158 26.52 -29.38 18.86
C ALA B 158 25.33 -28.44 18.98
N LEU B 159 24.30 -28.87 19.71
CA LEU B 159 23.11 -28.06 19.87
C LEU B 159 23.43 -26.79 20.65
N GLN B 160 22.96 -25.66 20.16
CA GLN B 160 23.14 -24.38 20.82
C GLN B 160 21.94 -24.08 21.70
N SER B 161 22.22 -23.52 22.87
N SER B 161 22.21 -23.54 22.88
CA SER B 161 21.19 -23.10 23.80
CA SER B 161 21.18 -23.11 23.81
C SER B 161 21.53 -21.73 24.35
C SER B 161 21.54 -21.74 24.35
N CYS B 162 20.51 -20.93 24.59
CA CYS B 162 20.60 -19.66 25.29
C CYS B 162 21.35 -18.57 24.52
N ASN B 163 21.56 -18.74 23.21
CA ASN B 163 22.24 -17.71 22.42
C ASN B 163 21.52 -17.39 21.12
N SER B 164 20.21 -17.65 21.04
CA SER B 164 19.43 -17.28 19.87
C SER B 164 18.12 -16.66 20.31
N GLN B 165 17.54 -15.90 19.39
CA GLN B 165 16.24 -15.26 19.59
C GLN B 165 15.43 -15.38 18.32
N GLU B 166 14.12 -15.57 18.49
CA GLU B 166 13.18 -15.70 17.38
C GLU B 166 12.25 -14.50 17.30
N SER B 167 11.85 -14.20 16.07
CA SER B 167 10.79 -13.23 15.80
C SER B 167 9.86 -13.83 14.76
N VAL B 168 8.57 -13.60 14.91
CA VAL B 168 7.56 -14.18 14.04
C VAL B 168 6.64 -13.08 13.55
N THR B 169 6.33 -13.10 12.25
CA THR B 169 5.41 -12.11 11.71
C THR B 169 3.97 -12.46 12.09
N GLU B 170 3.08 -11.46 11.95
CA GLU B 170 1.66 -11.75 12.07
C GLU B 170 1.20 -12.46 10.80
N GLN B 171 0.02 -13.06 10.87
CA GLN B 171 -0.47 -13.81 9.72
C GLN B 171 -0.66 -12.89 8.51
N ASP B 172 -0.14 -13.33 7.36
CA ASP B 172 -0.13 -12.50 6.17
C ASP B 172 -1.54 -12.25 5.64
N SER B 173 -1.80 -11.02 5.21
N SER B 173 -1.80 -11.02 5.22
CA SER B 173 -3.12 -10.63 4.76
CA SER B 173 -3.12 -10.63 4.76
C SER B 173 -3.48 -11.16 3.38
C SER B 173 -3.47 -11.17 3.38
N LYS B 174 -2.51 -11.73 2.64
CA LYS B 174 -2.75 -12.27 1.32
C LYS B 174 -2.77 -13.79 1.29
N ASP B 175 -1.74 -14.46 1.81
CA ASP B 175 -1.67 -15.91 1.75
C ASP B 175 -1.87 -16.61 3.08
N SER B 176 -2.10 -15.84 4.15
CA SER B 176 -2.46 -16.40 5.45
C SER B 176 -1.34 -17.26 6.04
N THR B 177 -0.09 -16.98 5.69
CA THR B 177 1.04 -17.69 6.26
C THR B 177 1.78 -16.84 7.28
N TYR B 178 2.71 -17.49 7.95
CA TYR B 178 3.64 -16.86 8.89
C TYR B 178 5.05 -16.95 8.32
N SER B 179 5.92 -16.05 8.79
CA SER B 179 7.36 -16.19 8.60
C SER B 179 8.07 -15.99 9.94
N LEU B 180 9.25 -16.57 10.06
CA LEU B 180 9.97 -16.59 11.32
C LEU B 180 11.46 -16.43 11.05
N SER B 181 12.14 -15.65 11.90
CA SER B 181 13.59 -15.53 11.90
C SER B 181 14.11 -16.08 13.23
N SER B 182 15.25 -16.75 13.16
CA SER B 182 16.00 -17.14 14.35
C SER B 182 17.40 -16.58 14.14
N THR B 183 17.92 -15.89 15.13
CA THR B 183 19.20 -15.21 15.04
C THR B 183 20.09 -15.75 16.14
N LEU B 184 21.20 -16.35 15.75
CA LEU B 184 22.22 -16.86 16.68
C LEU B 184 23.32 -15.84 16.82
N THR B 185 23.63 -15.46 18.08
CA THR B 185 24.62 -14.44 18.35
C THR B 185 25.82 -15.07 19.04
N LEU B 186 26.99 -14.94 18.43
CA LEU B 186 28.23 -15.45 18.99
C LEU B 186 29.29 -14.35 18.98
N SER B 187 30.27 -14.45 19.87
CA SER B 187 31.44 -13.61 19.74
C SER B 187 32.19 -13.99 18.48
N LYS B 188 32.91 -13.04 17.90
CA LYS B 188 33.75 -13.39 16.75
C LYS B 188 34.72 -14.51 17.10
N ALA B 189 35.29 -14.46 18.30
CA ALA B 189 36.23 -15.49 18.73
C ALA B 189 35.58 -16.87 18.69
N ASP B 190 34.40 -16.99 19.32
CA ASP B 190 33.70 -18.27 19.31
C ASP B 190 33.30 -18.67 17.91
N TYR B 191 32.94 -17.69 17.07
CA TYR B 191 32.55 -18.01 15.69
C TYR B 191 33.73 -18.58 14.91
N GLU B 192 34.94 -18.07 15.14
CA GLU B 192 36.11 -18.60 14.43
C GLU B 192 36.61 -19.93 15.00
N LYS B 193 36.05 -20.41 16.11
CA LYS B 193 36.46 -21.71 16.65
C LYS B 193 35.79 -22.88 15.95
N HIS B 194 34.75 -22.65 15.15
CA HIS B 194 33.94 -23.72 14.60
C HIS B 194 33.77 -23.53 13.10
N LYS B 195 33.39 -24.62 12.44
CA LYS B 195 33.34 -24.67 10.98
C LYS B 195 31.93 -24.71 10.42
N VAL B 196 31.09 -25.64 10.88
CA VAL B 196 29.80 -25.89 10.26
C VAL B 196 28.72 -25.23 11.08
N TYR B 197 27.96 -24.35 10.44
CA TYR B 197 26.83 -23.68 11.06
C TYR B 197 25.56 -24.15 10.36
N ALA B 198 24.60 -24.64 11.15
CA ALA B 198 23.39 -25.23 10.58
C ALA B 198 22.15 -24.85 11.36
N CYS B 199 21.08 -24.62 10.62
N CYS B 199 21.06 -24.56 10.67
CA CYS B 199 19.73 -24.43 11.15
CA CYS B 199 19.76 -24.43 11.32
C CYS B 199 18.92 -25.65 10.76
C CYS B 199 18.83 -25.54 10.80
N GLU B 200 18.23 -26.26 11.72
CA GLU B 200 17.39 -27.44 11.45
C GLU B 200 15.96 -27.10 11.81
N VAL B 201 15.06 -27.32 10.86
CA VAL B 201 13.68 -26.88 10.97
C VAL B 201 12.74 -28.07 10.90
N THR B 202 11.84 -28.16 11.89
CA THR B 202 10.80 -29.17 11.94
C THR B 202 9.46 -28.47 11.86
N HIS B 203 8.56 -29.00 11.03
CA HIS B 203 7.28 -28.36 10.82
C HIS B 203 6.34 -29.38 10.22
N GLN B 204 5.05 -29.23 10.49
CA GLN B 204 4.04 -30.20 10.04
C GLN B 204 4.10 -30.43 8.53
N GLY B 205 4.46 -29.42 7.76
CA GLY B 205 4.49 -29.53 6.32
C GLY B 205 5.68 -30.25 5.77
N LEU B 206 6.64 -30.61 6.62
CA LEU B 206 7.86 -31.30 6.21
C LEU B 206 7.84 -32.73 6.75
N SER B 207 8.01 -33.70 5.84
CA SER B 207 8.02 -35.09 6.29
C SER B 207 9.29 -35.43 7.07
N SER B 208 10.39 -34.76 6.75
CA SER B 208 11.66 -34.87 7.45
C SER B 208 12.13 -33.46 7.75
N PRO B 209 12.86 -33.24 8.85
CA PRO B 209 13.37 -31.88 9.12
C PRO B 209 14.28 -31.42 7.98
N VAL B 210 14.29 -30.11 7.77
CA VAL B 210 15.11 -29.48 6.75
C VAL B 210 16.31 -28.83 7.44
N THR B 211 17.50 -29.04 6.88
CA THR B 211 18.71 -28.43 7.38
C THR B 211 19.30 -27.54 6.30
N LYS B 212 19.62 -26.32 6.67
CA LYS B 212 20.40 -25.40 5.83
C LYS B 212 21.68 -25.08 6.60
N SER B 213 22.82 -25.16 5.93
CA SER B 213 24.08 -24.99 6.62
C SER B 213 25.06 -24.28 5.69
N PHE B 214 26.13 -23.77 6.30
CA PHE B 214 27.28 -23.28 5.56
C PHE B 214 28.53 -23.57 6.39
N ASN B 215 29.68 -23.50 5.73
CA ASN B 215 30.97 -23.66 6.38
C ASN B 215 31.64 -22.30 6.46
N ARG B 216 32.08 -21.93 7.65
CA ARG B 216 32.78 -20.66 7.84
C ARG B 216 33.95 -20.58 6.87
N GLY B 217 34.00 -19.50 6.09
CA GLY B 217 35.04 -19.27 5.12
C GLY B 217 34.64 -19.59 3.69
N GLU B 218 33.76 -20.58 3.49
CA GLU B 218 33.43 -21.02 2.15
C GLU B 218 32.64 -20.00 1.35
N CYS B 219 32.22 -18.89 1.96
CA CYS B 219 31.48 -17.86 1.24
C CYS B 219 32.04 -16.48 1.56
N GLU C 1 3.78 -16.12 -0.74
CA GLU C 1 2.67 -15.67 -1.64
C GLU C 1 2.99 -16.02 -3.10
N VAL C 2 1.97 -15.96 -3.95
CA VAL C 2 2.19 -16.09 -5.38
C VAL C 2 2.91 -14.86 -5.88
N GLN C 3 3.96 -15.06 -6.66
CA GLN C 3 4.68 -13.98 -7.28
C GLN C 3 4.85 -14.28 -8.77
N LEU C 4 4.66 -13.23 -9.59
CA LEU C 4 4.95 -13.27 -11.03
C LEU C 4 5.75 -11.99 -11.30
N VAL C 5 7.06 -12.13 -11.45
CA VAL C 5 7.96 -11.01 -11.56
C VAL C 5 8.46 -10.91 -13.00
N GLU C 6 8.10 -9.82 -13.66
CA GLU C 6 8.43 -9.63 -15.06
C GLU C 6 9.71 -8.80 -15.20
N SER C 7 10.37 -8.98 -16.34
CA SER C 7 11.57 -8.25 -16.65
C SER C 7 11.76 -8.24 -18.15
N GLY C 8 12.66 -7.36 -18.60
CA GLY C 8 13.08 -7.29 -19.97
C GLY C 8 12.46 -6.16 -20.77
N GLY C 9 11.60 -5.38 -20.17
CA GLY C 9 10.96 -4.26 -20.84
C GLY C 9 11.88 -3.08 -21.04
N GLY C 10 11.36 -2.05 -21.72
CA GLY C 10 12.09 -0.84 -21.97
C GLY C 10 11.97 -0.44 -23.43
N LEU C 11 12.95 0.32 -23.87
CA LEU C 11 12.96 0.94 -25.19
C LEU C 11 13.59 0.02 -26.23
N VAL C 12 12.93 -0.05 -27.39
CA VAL C 12 13.42 -0.85 -28.50
C VAL C 12 13.07 -0.11 -29.79
N GLN C 13 13.98 -0.18 -30.78
CA GLN C 13 13.77 0.52 -32.02
C GLN C 13 12.79 -0.25 -32.90
N PRO C 14 11.98 0.43 -33.72
CA PRO C 14 11.11 -0.27 -34.67
C PRO C 14 11.92 -1.22 -35.54
N GLY C 15 11.34 -2.39 -35.82
CA GLY C 15 12.01 -3.45 -36.53
C GLY C 15 12.80 -4.37 -35.63
N GLY C 16 13.02 -3.98 -34.37
CA GLY C 16 13.91 -4.68 -33.48
C GLY C 16 13.21 -5.79 -32.73
N SER C 17 13.97 -6.37 -31.80
CA SER C 17 13.55 -7.55 -31.05
C SER C 17 13.78 -7.32 -29.57
N LEU C 18 12.94 -7.94 -28.76
CA LEU C 18 13.05 -7.87 -27.30
C LEU C 18 12.49 -9.16 -26.74
N ARG C 19 13.09 -9.65 -25.63
CA ARG C 19 12.61 -10.85 -24.96
C ARG C 19 12.17 -10.47 -23.55
N LEU C 20 10.92 -10.76 -23.23
CA LEU C 20 10.41 -10.55 -21.90
C LEU C 20 10.39 -11.86 -21.12
N SER C 21 10.59 -11.74 -19.80
CA SER C 21 10.57 -12.88 -18.90
C SER C 21 9.51 -12.65 -17.83
N CYS C 22 8.92 -13.73 -17.34
CA CYS C 22 7.94 -13.70 -16.23
C CYS C 22 8.28 -14.89 -15.33
N ALA C 23 8.87 -14.61 -14.18
CA ALA C 23 9.35 -15.63 -13.25
C ALA C 23 8.35 -15.84 -12.13
N ALA C 24 8.02 -17.09 -11.86
CA ALA C 24 6.91 -17.47 -11.00
C ALA C 24 7.39 -18.17 -9.72
N SER C 25 6.75 -17.85 -8.60
CA SER C 25 6.95 -18.63 -7.39
C SER C 25 5.64 -18.66 -6.61
N GLY C 26 5.59 -19.55 -5.61
CA GLY C 26 4.46 -19.64 -4.73
C GLY C 26 3.37 -20.56 -5.22
N PHE C 27 3.59 -21.23 -6.36
CA PHE C 27 2.66 -22.20 -6.90
C PHE C 27 3.44 -23.11 -7.85
N THR C 28 2.83 -24.23 -8.20
CA THR C 28 3.47 -25.22 -9.09
C THR C 28 3.25 -24.78 -10.54
N PHE C 29 4.13 -23.86 -10.97
CA PHE C 29 4.09 -23.30 -12.33
C PHE C 29 3.94 -24.37 -13.40
N SER C 30 4.63 -25.51 -13.22
CA SER C 30 4.63 -26.53 -14.25
C SER C 30 3.28 -27.18 -14.51
N ARG C 31 2.27 -26.94 -13.66
CA ARG C 31 0.96 -27.51 -13.83
C ARG C 31 -0.05 -26.57 -14.48
N TYR C 32 0.35 -25.34 -14.80
CA TYR C 32 -0.59 -24.34 -15.27
C TYR C 32 -0.27 -23.88 -16.68
N TRP C 33 -1.32 -23.64 -17.47
CA TRP C 33 -1.11 -22.84 -18.67
C TRP C 33 -0.71 -21.43 -18.21
N MET C 34 0.04 -20.73 -19.07
CA MET C 34 0.50 -19.36 -18.77
C MET C 34 0.10 -18.49 -19.95
N THR C 35 -0.11 -17.21 -19.68
CA THR C 35 -0.76 -16.30 -20.61
C THR C 35 -0.02 -14.96 -20.66
N TRP C 36 -0.02 -14.35 -21.84
CA TRP C 36 0.42 -12.95 -22.01
C TRP C 36 -0.75 -12.08 -22.47
N VAL C 37 -0.86 -10.89 -21.89
CA VAL C 37 -1.86 -9.89 -22.22
C VAL C 37 -1.14 -8.56 -22.26
N ARG C 38 -1.55 -7.65 -23.15
CA ARG C 38 -0.90 -6.36 -23.21
C ARG C 38 -1.93 -5.23 -23.14
N GLN C 39 -1.45 -4.03 -22.82
CA GLN C 39 -2.32 -2.86 -22.71
C GLN C 39 -1.55 -1.62 -23.15
N ALA C 40 -1.93 -1.07 -24.30
CA ALA C 40 -1.28 0.15 -24.75
C ALA C 40 -1.68 1.29 -23.82
N PRO C 41 -0.79 2.26 -23.63
CA PRO C 41 -1.09 3.36 -22.70
C PRO C 41 -2.43 4.03 -22.99
N GLY C 42 -3.26 4.10 -21.96
CA GLY C 42 -4.58 4.70 -22.08
C GLY C 42 -5.63 3.84 -22.75
N LYS C 43 -5.29 2.61 -23.15
CA LYS C 43 -6.18 1.78 -23.91
C LYS C 43 -6.57 0.53 -23.09
N GLY C 44 -7.29 -0.38 -23.73
CA GLY C 44 -7.82 -1.56 -23.08
C GLY C 44 -6.88 -2.78 -23.20
N LEU C 45 -7.33 -3.89 -22.62
CA LEU C 45 -6.58 -5.13 -22.62
C LEU C 45 -6.70 -5.84 -23.97
N VAL C 46 -5.59 -6.44 -24.40
CA VAL C 46 -5.50 -7.21 -25.64
C VAL C 46 -4.75 -8.50 -25.32
N TRP C 47 -5.37 -9.62 -25.62
CA TRP C 47 -4.73 -10.91 -25.40
C TRP C 47 -3.62 -11.13 -26.40
N VAL C 48 -2.48 -11.65 -25.94
CA VAL C 48 -1.34 -11.95 -26.81
C VAL C 48 -1.24 -13.43 -27.11
N GLY C 49 -1.37 -14.30 -26.10
CA GLY C 49 -1.38 -15.72 -26.34
C GLY C 49 -1.22 -16.50 -25.05
N GLU C 50 -1.14 -17.82 -25.21
CA GLU C 50 -1.06 -18.74 -24.06
C GLU C 50 -0.25 -19.98 -24.46
N ILE C 51 0.23 -20.67 -23.45
CA ILE C 51 1.02 -21.88 -23.65
C ILE C 51 0.68 -22.89 -22.58
N ASN C 52 0.53 -24.16 -22.97
CA ASN C 52 0.15 -25.18 -22.00
C ASN C 52 1.36 -25.69 -21.22
N PRO C 53 1.13 -26.53 -20.20
CA PRO C 53 2.24 -26.90 -19.32
C PRO C 53 3.44 -27.52 -20.02
N ASP C 54 3.24 -28.42 -20.97
CA ASP C 54 4.35 -29.10 -21.63
C ASP C 54 4.74 -28.47 -22.96
N SER C 55 4.23 -27.27 -23.28
CA SER C 55 4.60 -26.52 -24.47
C SER C 55 4.15 -27.17 -25.77
N SER C 56 3.26 -28.16 -25.72
CA SER C 56 2.77 -28.79 -26.94
C SER C 56 1.65 -28.01 -27.61
N THR C 57 1.00 -27.09 -26.91
CA THR C 57 0.00 -26.20 -27.49
C THR C 57 0.39 -24.77 -27.14
N ILE C 58 0.47 -23.93 -28.17
CA ILE C 58 0.75 -22.51 -28.05
C ILE C 58 -0.25 -21.81 -28.94
N ASN C 59 -1.07 -20.93 -28.37
CA ASN C 59 -2.07 -20.20 -29.13
C ASN C 59 -1.70 -18.72 -29.13
N TYR C 60 -1.83 -18.06 -30.29
CA TYR C 60 -1.41 -16.69 -30.47
C TYR C 60 -2.56 -15.82 -30.96
N ALA C 61 -2.52 -14.54 -30.59
CA ALA C 61 -3.38 -13.55 -31.20
C ALA C 61 -2.99 -13.37 -32.67
N PRO C 62 -3.96 -13.18 -33.55
CA PRO C 62 -3.62 -12.93 -34.96
C PRO C 62 -2.67 -11.76 -35.17
N SER C 63 -2.74 -10.73 -34.34
CA SER C 63 -1.93 -9.53 -34.51
C SER C 63 -0.45 -9.77 -34.26
N VAL C 64 -0.08 -10.90 -33.67
CA VAL C 64 1.32 -11.19 -33.35
C VAL C 64 1.82 -12.48 -33.96
N LYS C 65 0.97 -13.30 -34.57
CA LYS C 65 1.43 -14.56 -35.12
C LYS C 65 2.50 -14.30 -36.18
N GLY C 66 3.55 -15.11 -36.14
CA GLY C 66 4.64 -14.96 -37.07
C GLY C 66 5.69 -13.95 -36.67
N ARG C 67 5.44 -13.13 -35.66
CA ARG C 67 6.42 -12.19 -35.15
C ARG C 67 6.80 -12.48 -33.70
N PHE C 68 5.87 -12.95 -32.88
CA PHE C 68 6.18 -13.22 -31.49
C PHE C 68 6.20 -14.72 -31.28
N THR C 69 7.02 -15.16 -30.33
CA THR C 69 7.12 -16.57 -29.94
C THR C 69 6.99 -16.64 -28.42
N ILE C 70 6.05 -17.47 -27.94
CA ILE C 70 5.90 -17.75 -26.51
C ILE C 70 6.61 -19.06 -26.20
N SER C 71 7.33 -19.10 -25.09
CA SER C 71 7.96 -20.33 -24.62
C SER C 71 8.00 -20.31 -23.10
N ARG C 72 8.42 -21.43 -22.53
CA ARG C 72 8.54 -21.50 -21.08
C ARG C 72 9.65 -22.47 -20.73
N ASP C 73 10.21 -22.29 -19.53
CA ASP C 73 11.25 -23.17 -18.98
C ASP C 73 10.75 -23.57 -17.61
N ASN C 74 10.10 -24.75 -17.52
CA ASN C 74 9.53 -25.18 -16.25
C ASN C 74 10.60 -25.39 -15.20
N ALA C 75 11.83 -25.79 -15.59
CA ALA C 75 12.90 -25.95 -14.61
C ALA C 75 13.26 -24.67 -13.92
N LYS C 76 13.01 -23.52 -14.55
CA LYS C 76 13.27 -22.22 -13.97
C LYS C 76 11.98 -21.48 -13.62
N ASN C 77 10.82 -22.15 -13.75
CA ASN C 77 9.53 -21.53 -13.46
C ASN C 77 9.39 -20.19 -14.18
N THR C 78 9.83 -20.14 -15.43
CA THR C 78 9.84 -18.87 -16.17
C THR C 78 9.12 -18.97 -17.52
N LEU C 79 8.33 -17.96 -17.80
CA LEU C 79 7.59 -17.79 -19.05
C LEU C 79 8.27 -16.70 -19.86
N TYR C 80 8.34 -16.91 -21.18
CA TYR C 80 9.03 -15.95 -22.05
C TYR C 80 8.15 -15.49 -23.19
N LEU C 81 8.40 -14.26 -23.62
CA LEU C 81 7.77 -13.72 -24.82
C LEU C 81 8.91 -13.11 -25.65
N GLN C 82 9.22 -13.76 -26.78
CA GLN C 82 10.21 -13.24 -27.71
C GLN C 82 9.47 -12.46 -28.79
N MET C 83 9.81 -11.17 -28.90
CA MET C 83 9.10 -10.26 -29.80
C MET C 83 10.06 -9.82 -30.90
N ASN C 84 9.67 -10.07 -32.14
CA ASN C 84 10.47 -9.70 -33.30
C ASN C 84 9.66 -8.74 -34.16
N SER C 85 10.38 -8.02 -35.03
N SER C 85 10.39 -8.03 -35.03
CA SER C 85 9.77 -7.10 -35.99
CA SER C 85 9.78 -7.10 -35.98
C SER C 85 8.78 -6.16 -35.29
C SER C 85 8.78 -6.17 -35.29
N LEU C 86 9.25 -5.54 -34.22
CA LEU C 86 8.37 -4.70 -33.41
C LEU C 86 8.02 -3.39 -34.08
N ARG C 87 6.81 -2.92 -33.85
CA ARG C 87 6.30 -1.71 -34.45
C ARG C 87 5.75 -0.83 -33.36
N ALA C 88 5.52 0.44 -33.69
CA ALA C 88 4.98 1.37 -32.72
C ALA C 88 3.68 0.84 -32.12
N GLU C 89 2.87 0.17 -32.92
CA GLU C 89 1.59 -0.33 -32.44
C GLU C 89 1.73 -1.42 -31.40
N ASP C 90 2.95 -1.93 -31.19
CA ASP C 90 3.21 -2.92 -30.16
C ASP C 90 3.57 -2.26 -28.82
N THR C 91 3.73 -0.95 -28.76
CA THR C 91 4.02 -0.28 -27.49
C THR C 91 2.88 -0.55 -26.51
N ALA C 92 3.23 -1.03 -25.32
CA ALA C 92 2.23 -1.46 -24.36
C ALA C 92 2.92 -1.93 -23.10
N VAL C 93 2.14 -1.96 -22.02
CA VAL C 93 2.52 -2.74 -20.84
C VAL C 93 2.15 -4.19 -21.11
N TYR C 94 3.12 -5.09 -20.95
CA TYR C 94 2.92 -6.52 -21.16
C TYR C 94 2.80 -7.19 -19.81
N TYR C 95 1.72 -7.93 -19.62
CA TYR C 95 1.44 -8.64 -18.39
C TYR C 95 1.50 -10.13 -18.64
N CYS C 96 2.05 -10.87 -17.69
CA CYS C 96 1.83 -12.30 -17.69
C CYS C 96 0.76 -12.66 -16.67
N ALA C 97 0.11 -13.80 -16.90
CA ALA C 97 -0.92 -14.27 -15.99
C ALA C 97 -0.92 -15.78 -16.00
N SER C 98 -1.26 -16.38 -14.87
CA SER C 98 -1.49 -17.82 -14.83
C SER C 98 -2.89 -18.17 -15.33
N GLY C 99 -3.02 -19.38 -15.85
CA GLY C 99 -4.31 -19.90 -16.26
C GLY C 99 -5.05 -18.92 -17.15
N VAL C 100 -6.34 -18.81 -16.94
CA VAL C 100 -7.15 -17.79 -17.63
C VAL C 100 -7.36 -16.65 -16.62
N PHE C 101 -6.31 -15.87 -16.40
CA PHE C 101 -6.35 -14.61 -15.69
C PHE C 101 -6.38 -14.75 -14.18
N THR C 102 -5.88 -15.85 -13.61
CA THR C 102 -6.09 -16.13 -12.19
C THR C 102 -5.05 -15.49 -11.26
N SER C 103 -3.92 -15.04 -11.80
N SER C 103 -3.94 -15.00 -11.79
CA SER C 103 -2.95 -14.25 -11.05
CA SER C 103 -2.94 -14.27 -11.03
C SER C 103 -2.13 -13.50 -12.09
C SER C 103 -2.08 -13.53 -12.05
N TRP C 104 -1.62 -12.34 -11.72
CA TRP C 104 -0.99 -11.44 -12.67
C TRP C 104 0.35 -10.92 -12.21
N GLY C 105 1.25 -10.73 -13.17
CA GLY C 105 2.43 -9.95 -12.97
C GLY C 105 2.17 -8.48 -12.91
N GLN C 106 3.19 -7.71 -12.57
CA GLN C 106 3.06 -6.28 -12.38
C GLN C 106 2.99 -5.52 -13.68
N GLY C 107 3.40 -6.16 -14.77
CA GLY C 107 3.50 -5.46 -16.04
C GLY C 107 4.87 -4.87 -16.28
N THR C 108 5.33 -4.93 -17.53
CA THR C 108 6.54 -4.22 -17.95
C THR C 108 6.23 -3.48 -19.24
N LEU C 109 6.62 -2.20 -19.28
CA LEU C 109 6.31 -1.33 -20.42
C LEU C 109 7.36 -1.51 -21.50
N VAL C 110 6.92 -1.86 -22.70
CA VAL C 110 7.76 -1.92 -23.88
C VAL C 110 7.41 -0.71 -24.76
N THR C 111 8.39 0.16 -25.01
CA THR C 111 8.18 1.32 -25.86
C THR C 111 8.94 1.11 -27.16
N VAL C 112 8.22 1.06 -28.26
CA VAL C 112 8.83 0.87 -29.59
C VAL C 112 8.94 2.25 -30.24
N SER C 113 10.16 2.77 -30.28
CA SER C 113 10.41 4.15 -30.69
C SER C 113 11.85 4.28 -31.17
N SER C 114 12.04 5.21 -32.12
CA SER C 114 13.37 5.57 -32.59
C SER C 114 14.03 6.66 -31.76
N ALA C 115 13.34 7.24 -30.80
CA ALA C 115 13.90 8.32 -30.00
C ALA C 115 14.92 7.77 -29.01
N SER C 116 15.83 8.64 -28.58
N SER C 116 15.80 8.67 -28.58
CA SER C 116 16.85 8.21 -27.63
CA SER C 116 16.88 8.36 -27.66
C SER C 116 16.32 8.31 -26.20
C SER C 116 16.38 8.47 -26.22
N THR C 117 16.97 7.58 -25.29
N THR C 117 16.91 7.59 -25.37
CA THR C 117 16.61 7.64 -23.88
CA THR C 117 16.66 7.68 -23.94
C THR C 117 17.20 8.90 -23.28
C THR C 117 17.15 9.03 -23.43
N LYS C 118 16.40 9.59 -22.48
CA LYS C 118 16.78 10.84 -21.85
C LYS C 118 16.26 10.81 -20.44
N GLY C 119 17.15 11.04 -19.47
CA GLY C 119 16.78 11.07 -18.08
C GLY C 119 16.13 12.38 -17.69
N PRO C 120 15.33 12.37 -16.63
CA PRO C 120 14.62 13.58 -16.22
C PRO C 120 15.50 14.55 -15.45
N SER C 121 15.03 15.81 -15.47
CA SER C 121 15.43 16.82 -14.51
C SER C 121 14.38 16.83 -13.42
N VAL C 122 14.80 16.99 -12.16
CA VAL C 122 13.88 17.01 -11.04
C VAL C 122 14.00 18.36 -10.33
N PHE C 123 12.90 19.13 -10.30
CA PHE C 123 12.90 20.45 -9.72
C PHE C 123 11.91 20.53 -8.56
N PRO C 124 12.21 21.30 -7.53
CA PRO C 124 11.26 21.43 -6.43
C PRO C 124 10.06 22.28 -6.83
N LEU C 125 8.93 21.94 -6.20
CA LEU C 125 7.71 22.75 -6.26
C LEU C 125 7.44 23.21 -4.83
N ALA C 126 7.61 24.51 -4.59
CA ALA C 126 7.37 25.07 -3.25
C ALA C 126 6.76 26.44 -3.45
N PRO C 127 5.64 26.73 -2.80
CA PRO C 127 4.98 28.02 -3.03
C PRO C 127 5.76 29.16 -2.41
N CYS C 128 5.31 30.37 -2.72
CA CYS C 128 5.67 31.53 -1.90
C CYS C 128 4.81 31.57 -0.64
N SER C 129 5.38 32.12 0.43
CA SER C 129 4.72 32.07 1.72
C SER C 129 3.36 32.76 1.67
N ARG C 130 2.52 32.43 2.65
CA ARG C 130 1.16 32.94 2.76
C ARG C 130 1.04 33.86 3.97
N SER C 131 -0.04 34.64 3.98
CA SER C 131 -0.41 35.49 5.12
C SER C 131 -1.87 35.29 5.52
N THR C 132 -2.56 34.33 4.93
CA THR C 132 -3.85 33.86 5.41
C THR C 132 -3.73 32.36 5.62
N SER C 133 -4.25 31.87 6.76
CA SER C 133 -4.18 30.45 7.04
C SER C 133 -5.05 29.67 6.06
N GLU C 134 -4.50 28.58 5.53
CA GLU C 134 -5.22 27.59 4.75
C GLU C 134 -5.09 26.25 5.48
N SER C 135 -5.98 25.32 5.16
CA SER C 135 -6.03 24.09 5.95
C SER C 135 -4.90 23.13 5.60
N THR C 136 -4.38 23.20 4.37
CA THR C 136 -3.30 22.32 3.93
C THR C 136 -2.18 23.16 3.33
N ALA C 137 -0.99 22.57 3.35
CA ALA C 137 0.20 23.12 2.69
C ALA C 137 0.68 22.12 1.66
N ALA C 138 1.18 22.61 0.55
CA ALA C 138 1.58 21.75 -0.57
C ALA C 138 3.04 21.93 -0.91
N LEU C 139 3.65 20.80 -1.28
CA LEU C 139 4.99 20.77 -1.83
C LEU C 139 4.99 19.71 -2.95
N GLY C 140 6.04 19.71 -3.73
CA GLY C 140 6.10 18.68 -4.76
C GLY C 140 7.43 18.65 -5.48
N CYS C 141 7.46 17.85 -6.55
N CYS C 141 7.53 17.81 -6.51
CA CYS C 141 8.60 17.72 -7.44
CA CYS C 141 8.67 17.92 -7.42
C CYS C 141 8.06 17.72 -8.87
C CYS C 141 8.22 17.64 -8.84
N LEU C 142 8.74 18.46 -9.74
CA LEU C 142 8.44 18.47 -11.17
C LEU C 142 9.51 17.62 -11.84
N VAL C 143 9.10 16.59 -12.55
CA VAL C 143 9.98 15.62 -13.18
C VAL C 143 9.85 15.85 -14.68
N LYS C 144 10.81 16.55 -15.24
CA LYS C 144 10.66 17.11 -16.57
C LYS C 144 11.65 16.54 -17.56
N ASP C 145 11.19 16.33 -18.79
CA ASP C 145 12.03 16.09 -19.96
C ASP C 145 12.69 14.72 -19.94
N TYR C 146 11.88 13.66 -19.88
CA TYR C 146 12.41 12.31 -19.95
C TYR C 146 11.77 11.50 -21.08
N PHE C 147 12.47 10.43 -21.46
CA PHE C 147 11.96 9.50 -22.47
C PHE C 147 12.70 8.20 -22.30
N PRO C 148 12.05 7.05 -22.46
CA PRO C 148 10.61 6.83 -22.59
C PRO C 148 9.96 6.83 -21.23
N GLU C 149 8.67 6.55 -21.15
CA GLU C 149 8.08 6.17 -19.87
C GLU C 149 8.69 4.84 -19.43
N PRO C 150 8.62 4.51 -18.15
CA PRO C 150 7.98 5.22 -17.05
C PRO C 150 8.96 5.81 -16.05
N VAL C 151 8.48 6.82 -15.31
CA VAL C 151 9.11 7.26 -14.06
C VAL C 151 8.26 6.80 -12.89
N THR C 152 8.92 6.41 -11.80
CA THR C 152 8.19 6.18 -10.55
C THR C 152 8.63 7.23 -9.54
N VAL C 153 7.71 7.62 -8.65
CA VAL C 153 7.97 8.60 -7.62
C VAL C 153 7.44 8.06 -6.31
N SER C 154 8.26 8.15 -5.27
N SER C 154 8.27 8.13 -5.27
CA SER C 154 7.84 7.94 -3.90
CA SER C 154 7.89 7.92 -3.89
C SER C 154 8.26 9.16 -3.10
C SER C 154 8.27 9.16 -3.10
N TRP C 155 7.75 9.26 -1.87
CA TRP C 155 8.13 10.31 -0.95
C TRP C 155 8.65 9.66 0.32
N ASN C 156 9.77 10.16 0.83
CA ASN C 156 10.38 9.66 2.06
C ASN C 156 10.51 8.15 2.01
N SER C 157 10.99 7.66 0.87
CA SER C 157 11.26 6.22 0.66
C SER C 157 10.02 5.36 0.81
N GLY C 158 8.85 5.89 0.54
CA GLY C 158 7.61 5.16 0.61
C GLY C 158 6.91 5.27 1.95
N ALA C 159 7.46 6.00 2.89
CA ALA C 159 6.80 6.19 4.18
C ALA C 159 5.68 7.22 4.10
N LEU C 160 5.76 8.18 3.17
CA LEU C 160 4.76 9.24 3.04
C LEU C 160 3.86 8.89 1.87
N THR C 161 2.63 8.52 2.17
CA THR C 161 1.65 8.19 1.13
C THR C 161 0.37 9.00 1.22
N SER C 162 -0.06 9.32 2.44
N SER C 162 -0.04 9.33 2.44
CA SER C 162 -1.26 10.13 2.62
CA SER C 162 -1.24 10.14 2.64
C SER C 162 -1.02 11.53 2.09
C SER C 162 -1.01 11.55 2.09
N GLY C 163 -1.93 12.01 1.25
CA GLY C 163 -1.83 13.33 0.69
C GLY C 163 -1.00 13.42 -0.56
N VAL C 164 -0.48 12.31 -1.06
CA VAL C 164 0.35 12.30 -2.26
C VAL C 164 -0.50 12.11 -3.50
N HIS C 165 -0.23 12.93 -4.51
CA HIS C 165 -0.77 12.71 -5.84
C HIS C 165 0.35 12.81 -6.86
N THR C 166 0.58 11.71 -7.57
CA THR C 166 1.52 11.70 -8.69
C THR C 166 0.70 11.69 -9.97
N PHE C 167 0.87 12.73 -10.77
CA PHE C 167 0.04 12.90 -11.93
C PHE C 167 0.49 12.04 -13.10
N PRO C 168 -0.43 11.65 -13.95
CA PRO C 168 -0.04 11.01 -15.20
C PRO C 168 0.88 11.91 -16.01
N ALA C 169 1.86 11.29 -16.67
CA ALA C 169 2.75 12.06 -17.51
C ALA C 169 2.01 12.64 -18.70
N VAL C 170 2.52 13.75 -19.17
CA VAL C 170 2.06 14.39 -20.40
C VAL C 170 3.21 14.38 -21.38
N LEU C 171 2.90 14.17 -22.66
CA LEU C 171 3.87 14.35 -23.73
C LEU C 171 3.94 15.82 -24.10
N GLN C 172 5.11 16.42 -23.95
CA GLN C 172 5.33 17.81 -24.29
C GLN C 172 5.52 17.97 -25.79
N SER C 173 5.41 19.20 -26.27
CA SER C 173 5.60 19.44 -27.71
C SER C 173 7.00 19.07 -28.18
N SER C 174 7.96 18.90 -27.27
CA SER C 174 9.31 18.48 -27.60
C SER C 174 9.42 16.98 -27.83
N GLY C 175 8.35 16.22 -27.56
CA GLY C 175 8.44 14.77 -27.63
C GLY C 175 8.95 14.11 -26.38
N LEU C 176 9.22 14.89 -25.34
CA LEU C 176 9.64 14.35 -24.05
C LEU C 176 8.50 14.45 -23.06
N TYR C 177 8.48 13.54 -22.11
CA TYR C 177 7.44 13.48 -21.10
C TYR C 177 7.82 14.34 -19.90
N SER C 178 6.79 14.71 -19.13
N SER C 178 6.78 14.79 -19.18
CA SER C 178 6.95 15.45 -17.89
CA SER C 178 6.94 15.44 -17.88
C SER C 178 5.76 15.15 -16.99
C SER C 178 5.78 15.00 -16.99
N LEU C 179 6.03 15.01 -15.68
CA LEU C 179 4.97 14.87 -14.69
C LEU C 179 5.36 15.63 -13.44
N SER C 180 4.38 15.83 -12.57
N SER C 180 4.41 15.77 -12.55
CA SER C 180 4.60 16.36 -11.23
CA SER C 180 4.66 16.31 -11.24
C SER C 180 4.05 15.38 -10.22
C SER C 180 4.03 15.40 -10.20
N SER C 181 4.64 15.39 -9.03
CA SER C 181 4.12 14.67 -7.87
C SER C 181 4.04 15.69 -6.74
N VAL C 182 2.92 15.71 -6.06
CA VAL C 182 2.69 16.69 -5.02
C VAL C 182 2.25 15.96 -3.77
N VAL C 183 2.51 16.59 -2.63
CA VAL C 183 1.95 16.17 -1.35
C VAL C 183 1.34 17.38 -0.66
N THR C 184 0.18 17.17 -0.04
CA THR C 184 -0.46 18.20 0.75
C THR C 184 -0.68 17.63 2.14
N VAL C 185 -0.38 18.43 3.16
CA VAL C 185 -0.43 18.00 4.55
C VAL C 185 -1.20 19.04 5.35
N PRO C 186 -1.76 18.65 6.50
CA PRO C 186 -2.35 19.67 7.37
C PRO C 186 -1.32 20.71 7.74
N SER C 187 -1.70 21.98 7.60
CA SER C 187 -0.71 23.06 7.61
C SER C 187 0.17 23.06 8.87
N SER C 188 -0.41 22.82 10.05
CA SER C 188 0.40 22.93 11.25
C SER C 188 1.44 21.83 11.37
N SER C 189 1.27 20.74 10.63
CA SER C 189 2.22 19.63 10.64
C SER C 189 3.38 19.84 9.68
N LEU C 190 3.35 20.90 8.87
CA LEU C 190 4.33 21.01 7.78
C LEU C 190 5.75 20.89 8.28
N GLY C 191 6.09 21.60 9.35
CA GLY C 191 7.45 21.61 9.85
C GLY C 191 7.87 20.43 10.68
N THR C 192 7.02 19.43 10.85
CA THR C 192 7.30 18.31 11.73
C THR C 192 8.07 17.17 11.04
N LYS C 193 8.24 17.25 9.73
CA LYS C 193 9.05 16.28 9.03
C LYS C 193 9.73 16.97 7.85
N THR C 194 10.65 16.25 7.22
CA THR C 194 11.27 16.65 5.96
C THR C 194 10.58 15.90 4.84
N TYR C 195 10.74 16.43 3.63
CA TYR C 195 10.06 15.92 2.44
C TYR C 195 11.09 15.72 1.33
N THR C 196 11.23 14.46 0.90
CA THR C 196 12.18 14.09 -0.16
C THR C 196 11.43 13.25 -1.19
N CYS C 197 11.44 13.68 -2.44
CA CYS C 197 10.88 12.89 -3.51
C CYS C 197 11.94 11.99 -4.12
N ASN C 198 11.59 10.75 -4.24
CA ASN C 198 12.49 9.69 -4.74
C ASN C 198 12.02 9.36 -6.15
N VAL C 199 12.82 9.74 -7.16
CA VAL C 199 12.45 9.64 -8.56
C VAL C 199 13.34 8.59 -9.19
N ASP C 200 12.75 7.61 -9.86
CA ASP C 200 13.51 6.58 -10.55
C ASP C 200 13.06 6.55 -12.01
N HIS C 201 14.03 6.57 -12.93
CA HIS C 201 13.78 6.40 -14.36
C HIS C 201 14.73 5.30 -14.82
N LYS C 202 14.27 4.07 -14.75
CA LYS C 202 15.15 2.95 -15.05
C LYS C 202 15.69 2.98 -16.48
N PRO C 203 14.95 3.42 -17.49
CA PRO C 203 15.52 3.41 -18.85
C PRO C 203 16.80 4.19 -19.00
N SER C 204 17.00 5.27 -18.24
CA SER C 204 18.21 6.08 -18.27
C SER C 204 19.12 5.85 -17.06
N ASN C 205 18.84 4.85 -16.24
CA ASN C 205 19.61 4.60 -15.03
C ASN C 205 19.73 5.87 -14.18
N THR C 206 18.62 6.61 -14.06
CA THR C 206 18.58 7.86 -13.31
C THR C 206 17.77 7.63 -12.06
N LYS C 207 18.40 7.86 -10.90
CA LYS C 207 17.72 7.81 -9.61
C LYS C 207 18.08 9.10 -8.88
N VAL C 208 17.08 9.89 -8.51
CA VAL C 208 17.30 11.21 -7.91
C VAL C 208 16.46 11.29 -6.64
N ASP C 209 17.06 11.77 -5.57
CA ASP C 209 16.34 12.07 -4.34
C ASP C 209 16.48 13.57 -4.09
N LYS C 210 15.34 14.28 -4.13
CA LYS C 210 15.35 15.72 -4.05
C LYS C 210 14.65 16.14 -2.76
N ARG C 211 15.40 16.80 -1.88
CA ARG C 211 14.81 17.39 -0.68
C ARG C 211 14.09 18.67 -1.08
N VAL C 212 12.83 18.81 -0.69
CA VAL C 212 12.01 19.97 -0.99
C VAL C 212 11.72 20.70 0.31
N GLU C 213 12.13 21.95 0.37
CA GLU C 213 11.99 22.76 1.57
C GLU C 213 10.91 23.82 1.38
N SER C 214 10.08 23.98 2.41
CA SER C 214 9.05 25.03 2.45
C SER C 214 9.67 26.43 2.37
N ASP D 1 -13.08 -13.64 -35.15
CA ASP D 1 -12.80 -13.20 -33.75
C ASP D 1 -14.05 -12.58 -33.14
N ILE D 2 -14.29 -12.87 -31.86
CA ILE D 2 -15.52 -12.46 -31.19
C ILE D 2 -15.35 -11.04 -30.67
N VAL D 3 -16.31 -10.18 -31.00
CA VAL D 3 -16.28 -8.79 -30.57
C VAL D 3 -17.11 -8.67 -29.31
N MET D 4 -16.57 -7.95 -28.31
CA MET D 4 -17.20 -7.72 -27.02
C MET D 4 -17.44 -6.23 -26.89
N THR D 5 -18.70 -5.84 -26.69
CA THR D 5 -19.09 -4.43 -26.70
C THR D 5 -19.64 -4.02 -25.34
N GLN D 6 -18.96 -3.06 -24.72
CA GLN D 6 -19.41 -2.40 -23.49
C GLN D 6 -19.13 -0.90 -23.61
N THR D 7 -19.86 -0.10 -22.80
CA THR D 7 -19.73 1.35 -22.85
C THR D 7 -18.49 1.81 -22.09
N PRO D 8 -17.89 2.95 -22.48
CA PRO D 8 -16.64 3.36 -21.82
C PRO D 8 -16.81 3.95 -20.42
N LEU D 9 -17.98 4.50 -20.08
CA LEU D 9 -18.19 5.18 -18.82
C LEU D 9 -19.53 4.80 -18.25
N SER D 10 -19.56 4.47 -16.97
CA SER D 10 -20.83 4.32 -16.29
C SER D 10 -21.40 5.70 -15.97
N SER D 11 -22.70 5.75 -15.71
CA SER D 11 -23.24 6.94 -15.10
C SER D 11 -22.71 7.04 -13.68
N PRO D 12 -22.52 8.26 -13.17
CA PRO D 12 -22.05 8.40 -11.78
C PRO D 12 -23.02 7.71 -10.84
N VAL D 13 -22.49 6.83 -9.98
CA VAL D 13 -23.28 6.10 -9.01
C VAL D 13 -22.94 6.60 -7.62
N THR D 14 -23.96 6.87 -6.81
CA THR D 14 -23.75 7.30 -5.44
C THR D 14 -23.32 6.14 -4.56
N LEU D 15 -22.39 6.41 -3.63
CA LEU D 15 -21.97 5.40 -2.69
C LEU D 15 -23.16 4.77 -1.98
N GLY D 16 -23.15 3.45 -1.87
CA GLY D 16 -24.19 2.69 -1.23
C GLY D 16 -25.35 2.30 -2.14
N GLN D 17 -25.35 2.80 -3.36
CA GLN D 17 -26.39 2.55 -4.36
C GLN D 17 -25.90 1.55 -5.40
N PRO D 18 -26.80 0.91 -6.13
CA PRO D 18 -26.40 -0.14 -7.07
C PRO D 18 -25.95 0.38 -8.44
N ALA D 19 -25.14 -0.44 -9.10
CA ALA D 19 -24.72 -0.16 -10.48
C ALA D 19 -24.76 -1.45 -11.28
N SER D 20 -25.00 -1.32 -12.58
CA SER D 20 -25.05 -2.46 -13.48
C SER D 20 -24.31 -2.10 -14.75
N ILE D 21 -23.40 -2.97 -15.17
CA ILE D 21 -22.57 -2.80 -16.38
C ILE D 21 -22.88 -3.96 -17.32
N SER D 22 -23.19 -3.66 -18.57
N SER D 22 -23.19 -3.64 -18.58
CA SER D 22 -23.59 -4.68 -19.54
CA SER D 22 -23.60 -4.62 -19.58
C SER D 22 -22.51 -4.87 -20.59
C SER D 22 -22.47 -4.88 -20.58
N CYS D 23 -22.48 -6.08 -21.15
CA CYS D 23 -21.57 -6.44 -22.22
C CYS D 23 -22.31 -7.35 -23.18
N ARG D 24 -22.09 -7.13 -24.48
CA ARG D 24 -22.68 -7.96 -25.52
C ARG D 24 -21.57 -8.59 -26.35
N SER D 25 -21.75 -9.85 -26.72
CA SER D 25 -20.82 -10.55 -27.58
C SER D 25 -21.42 -10.68 -28.98
N SER D 26 -20.54 -10.73 -29.98
CA SER D 26 -21.00 -10.88 -31.37
C SER D 26 -21.49 -12.28 -31.70
N GLN D 27 -21.21 -13.28 -30.90
CA GLN D 27 -21.76 -14.61 -31.05
C GLN D 27 -21.89 -15.27 -29.70
N SER D 28 -22.60 -16.41 -29.66
CA SER D 28 -22.81 -17.11 -28.41
C SER D 28 -21.49 -17.56 -27.81
N LEU D 29 -21.43 -17.57 -26.47
CA LEU D 29 -20.21 -17.94 -25.76
C LEU D 29 -20.29 -19.31 -25.10
N VAL D 30 -21.31 -20.11 -25.45
CA VAL D 30 -21.36 -21.50 -24.99
C VAL D 30 -20.36 -22.32 -25.78
N HIS D 31 -19.47 -23.01 -25.08
CA HIS D 31 -18.44 -23.82 -25.74
C HIS D 31 -19.05 -25.18 -26.05
N ARG D 32 -19.26 -25.45 -27.34
CA ARG D 32 -19.85 -26.71 -27.79
C ARG D 32 -21.16 -26.95 -27.03
N GLN D 33 -21.19 -27.96 -26.18
CA GLN D 33 -22.36 -28.27 -25.37
C GLN D 33 -22.12 -28.04 -23.88
N GLY D 34 -21.08 -27.27 -23.54
CA GLY D 34 -20.65 -27.16 -22.16
C GLY D 34 -20.76 -25.79 -21.55
N ASN D 35 -19.63 -25.30 -21.05
CA ASN D 35 -19.62 -24.12 -20.20
C ASN D 35 -19.65 -22.84 -21.03
N THR D 36 -19.90 -21.72 -20.35
CA THR D 36 -19.91 -20.40 -20.96
C THR D 36 -18.74 -19.62 -20.41
N TYR D 37 -17.74 -19.36 -21.24
CA TYR D 37 -16.49 -18.79 -20.77
C TYR D 37 -16.50 -17.28 -20.96
N PHE D 38 -17.34 -16.65 -20.16
CA PHE D 38 -17.48 -15.21 -20.09
C PHE D 38 -17.07 -14.74 -18.69
N HIS D 39 -16.23 -13.71 -18.62
CA HIS D 39 -15.66 -13.27 -17.36
C HIS D 39 -15.66 -11.76 -17.26
N TRP D 40 -15.62 -11.28 -16.03
CA TRP D 40 -15.41 -9.87 -15.71
C TRP D 40 -14.08 -9.69 -14.98
N LEU D 41 -13.34 -8.63 -15.33
CA LEU D 41 -12.10 -8.26 -14.67
C LEU D 41 -12.22 -6.82 -14.20
N GLN D 42 -11.53 -6.51 -13.11
CA GLN D 42 -11.49 -5.17 -12.54
C GLN D 42 -10.07 -4.66 -12.59
N GLN D 43 -9.89 -3.41 -12.98
CA GLN D 43 -8.54 -2.82 -13.02
C GLN D 43 -8.57 -1.46 -12.35
N ARG D 44 -7.75 -1.31 -11.33
CA ARG D 44 -7.45 -0.02 -10.68
C ARG D 44 -6.21 0.61 -11.28
N PRO D 45 -6.08 1.95 -11.18
CA PRO D 45 -4.95 2.61 -11.85
C PRO D 45 -3.59 2.18 -11.32
N GLY D 46 -2.64 2.03 -12.24
CA GLY D 46 -1.31 1.59 -11.89
C GLY D 46 -1.24 0.16 -11.43
N GLN D 47 -2.35 -0.57 -11.53
CA GLN D 47 -2.38 -1.96 -11.09
C GLN D 47 -2.73 -2.86 -12.27
N PRO D 48 -2.28 -4.11 -12.25
CA PRO D 48 -2.75 -5.06 -13.25
C PRO D 48 -4.22 -5.34 -13.06
N PRO D 49 -4.88 -5.87 -14.06
CA PRO D 49 -6.25 -6.34 -13.87
C PRO D 49 -6.30 -7.49 -12.90
N ARG D 50 -7.50 -7.73 -12.39
CA ARG D 50 -7.80 -8.79 -11.45
C ARG D 50 -9.07 -9.47 -11.91
N LEU D 51 -9.04 -10.81 -11.94
CA LEU D 51 -10.24 -11.56 -12.24
C LEU D 51 -11.27 -11.36 -11.13
N LEU D 52 -12.48 -10.99 -11.52
CA LEU D 52 -13.55 -10.68 -10.59
C LEU D 52 -14.63 -11.76 -10.59
N ILE D 53 -15.20 -12.05 -11.75
CA ILE D 53 -16.23 -13.07 -11.93
C ILE D 53 -15.77 -13.93 -13.09
N TYR D 54 -15.84 -15.24 -12.94
CA TYR D 54 -15.50 -16.13 -14.03
C TYR D 54 -16.64 -17.06 -14.36
N LYS D 55 -16.70 -17.47 -15.64
CA LYS D 55 -17.77 -18.34 -16.14
C LYS D 55 -19.14 -17.81 -15.74
N VAL D 56 -19.36 -16.53 -16.07
CA VAL D 56 -20.61 -15.81 -15.94
C VAL D 56 -20.94 -15.33 -14.53
N SER D 57 -20.87 -16.24 -13.53
CA SER D 57 -21.45 -15.94 -12.23
C SER D 57 -20.61 -16.35 -11.04
N ASN D 58 -19.41 -16.91 -11.23
CA ASN D 58 -18.61 -17.41 -10.12
C ASN D 58 -17.68 -16.31 -9.63
N ARG D 59 -17.77 -15.97 -8.34
CA ARG D 59 -16.87 -14.99 -7.77
C ARG D 59 -15.49 -15.58 -7.54
N PHE D 60 -14.47 -14.85 -7.96
CA PHE D 60 -13.08 -15.27 -7.77
C PHE D 60 -12.65 -14.93 -6.34
N SER D 61 -11.39 -15.27 -6.04
CA SER D 61 -10.85 -15.14 -4.69
C SER D 61 -10.91 -13.70 -4.23
N GLY D 62 -11.39 -13.51 -2.99
CA GLY D 62 -11.38 -12.21 -2.38
C GLY D 62 -12.44 -11.26 -2.89
N VAL D 63 -13.34 -11.74 -3.75
CA VAL D 63 -14.36 -10.91 -4.35
C VAL D 63 -15.62 -10.98 -3.48
N PRO D 64 -16.08 -9.88 -2.93
CA PRO D 64 -17.20 -9.92 -1.99
C PRO D 64 -18.54 -10.01 -2.70
N ASP D 65 -19.57 -10.34 -1.92
CA ASP D 65 -20.87 -10.71 -2.48
C ASP D 65 -21.60 -9.55 -3.13
N ARG D 66 -21.16 -8.31 -2.94
CA ARG D 66 -21.83 -7.19 -3.61
C ARG D 66 -21.64 -7.27 -5.12
N PHE D 67 -20.63 -8.01 -5.59
CA PHE D 67 -20.46 -8.21 -7.03
C PHE D 67 -21.18 -9.48 -7.45
N SER D 68 -21.99 -9.40 -8.50
CA SER D 68 -22.65 -10.59 -9.03
C SER D 68 -22.68 -10.51 -10.55
N GLY D 69 -22.56 -11.67 -11.18
CA GLY D 69 -22.59 -11.77 -12.62
C GLY D 69 -23.78 -12.56 -13.10
N SER D 70 -24.34 -12.15 -14.23
N SER D 70 -24.37 -12.12 -14.22
CA SER D 70 -25.47 -12.84 -14.83
CA SER D 70 -25.51 -12.77 -14.82
C SER D 70 -25.36 -12.74 -16.33
C SER D 70 -25.36 -12.74 -16.33
N GLY D 71 -26.23 -13.49 -17.00
CA GLY D 71 -26.31 -13.44 -18.44
C GLY D 71 -26.28 -14.83 -19.07
N ALA D 72 -26.60 -14.84 -20.35
CA ALA D 72 -26.55 -16.05 -21.17
C ALA D 72 -26.53 -15.61 -22.63
N GLY D 73 -26.01 -16.50 -23.47
CA GLY D 73 -26.03 -16.26 -24.89
C GLY D 73 -25.06 -15.18 -25.32
N THR D 74 -25.59 -13.99 -25.61
CA THR D 74 -24.77 -12.88 -26.06
C THR D 74 -24.88 -11.64 -25.20
N ASP D 75 -25.59 -11.69 -24.06
CA ASP D 75 -25.83 -10.52 -23.23
C ASP D 75 -25.54 -10.87 -21.78
N PHE D 76 -24.69 -10.07 -21.14
CA PHE D 76 -24.22 -10.35 -19.79
C PHE D 76 -24.16 -9.06 -19.00
N THR D 77 -24.24 -9.21 -17.67
N THR D 77 -24.29 -9.20 -17.67
CA THR D 77 -24.26 -8.04 -16.80
CA THR D 77 -24.26 -8.04 -16.80
C THR D 77 -23.49 -8.30 -15.52
C THR D 77 -23.43 -8.31 -15.56
N LEU D 78 -22.73 -7.28 -15.10
CA LEU D 78 -22.10 -7.26 -13.78
C LEU D 78 -22.91 -6.28 -12.94
N LYS D 79 -23.35 -6.71 -11.77
CA LYS D 79 -24.11 -5.86 -10.87
C LYS D 79 -23.33 -5.67 -9.59
N ILE D 80 -23.29 -4.44 -9.11
CA ILE D 80 -22.65 -4.07 -7.85
C ILE D 80 -23.77 -3.54 -6.98
N SER D 81 -24.10 -4.27 -5.92
CA SER D 81 -25.35 -3.99 -5.21
C SER D 81 -25.30 -2.73 -4.35
N ARG D 82 -24.15 -2.41 -3.78
CA ARG D 82 -23.95 -1.29 -2.84
C ARG D 82 -22.52 -0.80 -3.07
N VAL D 83 -22.37 0.13 -4.01
CA VAL D 83 -21.04 0.56 -4.42
C VAL D 83 -20.28 1.19 -3.26
N GLU D 84 -18.99 0.87 -3.17
CA GLU D 84 -18.06 1.44 -2.21
C GLU D 84 -17.03 2.28 -2.96
N ALA D 85 -16.43 3.22 -2.24
CA ALA D 85 -15.44 4.09 -2.88
C ALA D 85 -14.30 3.27 -3.51
N GLU D 86 -13.91 2.16 -2.88
CA GLU D 86 -12.81 1.36 -3.40
C GLU D 86 -13.15 0.63 -4.68
N ASP D 87 -14.41 0.64 -5.10
CA ASP D 87 -14.82 -0.04 -6.32
C ASP D 87 -14.53 0.76 -7.57
N VAL D 88 -14.03 1.99 -7.43
CA VAL D 88 -13.68 2.79 -8.60
C VAL D 88 -12.60 2.11 -9.42
N GLY D 89 -12.73 2.22 -10.73
CA GLY D 89 -11.81 1.65 -11.68
C GLY D 89 -12.52 1.26 -12.95
N VAL D 90 -11.86 0.40 -13.73
CA VAL D 90 -12.34 0.00 -15.05
C VAL D 90 -12.69 -1.47 -15.02
N TYR D 91 -13.85 -1.82 -15.55
CA TYR D 91 -14.37 -3.19 -15.54
C TYR D 91 -14.40 -3.68 -16.99
N TYR D 92 -13.69 -4.78 -17.24
CA TYR D 92 -13.59 -5.36 -18.57
C TYR D 92 -14.41 -6.63 -18.64
N CYS D 93 -15.22 -6.76 -19.67
CA CYS D 93 -15.76 -8.07 -20.02
C CYS D 93 -14.75 -8.82 -20.90
N SER D 94 -14.91 -10.13 -20.94
N SER D 94 -14.88 -10.14 -20.90
CA SER D 94 -13.98 -10.94 -21.71
CA SER D 94 -13.95 -11.02 -21.59
C SER D 94 -14.62 -12.29 -22.00
C SER D 94 -14.67 -12.29 -22.01
N GLN D 95 -14.22 -12.87 -23.13
CA GLN D 95 -14.61 -14.22 -23.49
C GLN D 95 -13.37 -15.04 -23.72
N SER D 96 -13.42 -16.30 -23.29
CA SER D 96 -12.35 -17.25 -23.57
C SER D 96 -12.91 -18.54 -24.16
N THR D 97 -14.10 -18.46 -24.77
CA THR D 97 -14.70 -19.60 -25.41
C THR D 97 -13.97 -20.01 -26.67
N HIS D 98 -13.37 -19.05 -27.37
CA HIS D 98 -12.63 -19.32 -28.59
C HIS D 98 -11.40 -18.44 -28.64
N VAL D 99 -10.32 -18.98 -29.21
CA VAL D 99 -9.10 -18.18 -29.43
C VAL D 99 -9.28 -17.37 -30.70
N PRO D 100 -8.81 -16.12 -30.73
CA PRO D 100 -8.15 -15.41 -29.63
C PRO D 100 -9.15 -15.01 -28.58
N TYR D 101 -8.78 -15.13 -27.31
CA TYR D 101 -9.60 -14.54 -26.27
C TYR D 101 -9.68 -13.04 -26.48
N THR D 102 -10.84 -12.43 -26.19
CA THR D 102 -11.06 -11.03 -26.49
C THR D 102 -11.70 -10.35 -25.29
N PHE D 103 -11.53 -9.05 -25.27
CA PHE D 103 -11.99 -8.19 -24.19
C PHE D 103 -12.84 -7.06 -24.73
N GLY D 104 -13.77 -6.60 -23.90
CA GLY D 104 -14.43 -5.33 -24.16
C GLY D 104 -13.47 -4.18 -23.93
N GLN D 105 -13.92 -2.97 -24.32
CA GLN D 105 -13.07 -1.80 -24.21
C GLN D 105 -12.88 -1.31 -22.79
N GLY D 106 -13.68 -1.81 -21.85
CA GLY D 106 -13.57 -1.38 -20.48
C GLY D 106 -14.59 -0.31 -20.15
N THR D 107 -15.33 -0.51 -19.06
CA THR D 107 -16.30 0.47 -18.58
C THR D 107 -15.76 1.07 -17.29
N LYS D 108 -15.58 2.40 -17.26
CA LYS D 108 -15.07 3.04 -16.06
C LYS D 108 -16.25 3.33 -15.13
N LEU D 109 -16.16 2.83 -13.90
CA LEU D 109 -17.14 3.16 -12.89
C LEU D 109 -16.82 4.52 -12.30
N GLU D 110 -17.75 5.47 -12.41
CA GLU D 110 -17.63 6.79 -11.82
C GLU D 110 -18.48 6.87 -10.56
N ILE D 111 -17.88 7.34 -9.48
CA ILE D 111 -18.57 7.49 -8.21
C ILE D 111 -19.08 8.92 -8.12
N LYS D 112 -20.36 9.06 -7.77
CA LYS D 112 -20.93 10.37 -7.49
C LYS D 112 -20.84 10.61 -5.98
N ARG D 113 -20.30 11.78 -5.63
CA ARG D 113 -20.20 12.20 -4.23
C ARG D 113 -20.63 13.65 -4.16
N THR D 114 -20.64 14.19 -2.94
CA THR D 114 -20.98 15.59 -2.77
C THR D 114 -19.95 16.48 -3.49
N VAL D 115 -20.42 17.65 -3.93
CA VAL D 115 -19.53 18.63 -4.54
C VAL D 115 -18.43 19.00 -3.55
N ALA D 116 -17.19 19.04 -4.04
CA ALA D 116 -16.04 19.42 -3.24
C ALA D 116 -15.22 20.42 -4.04
N ALA D 117 -15.03 21.63 -3.48
CA ALA D 117 -14.23 22.62 -4.16
C ALA D 117 -12.75 22.24 -4.12
N PRO D 118 -11.99 22.60 -5.15
CA PRO D 118 -10.54 22.37 -5.10
C PRO D 118 -9.85 23.32 -4.14
N SER D 119 -8.80 22.81 -3.52
CA SER D 119 -7.78 23.63 -2.89
C SER D 119 -6.75 23.95 -3.95
N VAL D 120 -6.42 25.21 -4.11
CA VAL D 120 -5.56 25.69 -5.20
C VAL D 120 -4.24 26.18 -4.65
N PHE D 121 -3.16 25.80 -5.34
CA PHE D 121 -1.81 26.23 -5.02
C PHE D 121 -1.08 26.59 -6.31
N ILE D 122 -0.18 27.57 -6.24
CA ILE D 122 0.67 27.95 -7.37
C ILE D 122 2.14 27.84 -6.92
N PHE D 123 2.97 27.30 -7.81
CA PHE D 123 4.38 27.07 -7.55
C PHE D 123 5.19 27.82 -8.59
N PRO D 124 6.08 28.70 -8.19
CA PRO D 124 6.96 29.37 -9.15
C PRO D 124 8.02 28.43 -9.70
N PRO D 125 8.67 28.80 -10.80
CA PRO D 125 9.80 28.01 -11.27
C PRO D 125 10.93 28.05 -10.25
N SER D 126 11.66 26.94 -10.18
CA SER D 126 12.80 26.83 -9.28
C SER D 126 13.99 27.60 -9.84
N ASP D 127 14.88 28.00 -8.92
CA ASP D 127 16.11 28.65 -9.36
C ASP D 127 16.95 27.73 -10.23
N GLU D 128 16.97 26.43 -9.92
CA GLU D 128 17.77 25.51 -10.72
C GLU D 128 17.29 25.45 -12.16
N GLN D 129 15.97 25.42 -12.36
CA GLN D 129 15.45 25.35 -13.73
C GLN D 129 15.76 26.63 -14.49
N LEU D 130 15.61 27.78 -13.84
CA LEU D 130 15.77 29.05 -14.55
C LEU D 130 17.15 29.16 -15.18
N LYS D 131 18.16 28.54 -14.58
CA LYS D 131 19.47 28.51 -15.20
C LYS D 131 19.45 27.90 -16.60
N SER D 132 18.46 27.07 -16.90
CA SER D 132 18.43 26.29 -18.13
C SER D 132 17.77 27.00 -19.31
N GLY D 133 17.17 28.18 -19.08
CA GLY D 133 16.53 28.91 -20.16
C GLY D 133 15.04 28.66 -20.32
N THR D 134 14.45 27.82 -19.48
CA THR D 134 13.02 27.56 -19.49
C THR D 134 12.46 27.77 -18.08
N ALA D 135 11.21 28.23 -18.01
CA ALA D 135 10.53 28.41 -16.74
C ALA D 135 9.20 27.65 -16.79
N SER D 136 8.98 26.79 -15.80
CA SER D 136 7.73 26.05 -15.66
C SER D 136 7.01 26.60 -14.43
N VAL D 137 5.75 27.05 -14.61
CA VAL D 137 4.90 27.48 -13.51
C VAL D 137 3.79 26.46 -13.35
N VAL D 138 3.54 26.01 -12.12
CA VAL D 138 2.61 24.91 -11.90
C VAL D 138 1.47 25.37 -11.00
N CYS D 139 0.25 25.07 -11.42
CA CYS D 139 -0.97 25.30 -10.65
C CYS D 139 -1.58 23.94 -10.28
N LEU D 140 -1.87 23.74 -9.02
CA LEU D 140 -2.45 22.53 -8.50
C LEU D 140 -3.87 22.80 -8.03
N LEU D 141 -4.82 21.96 -8.47
CA LEU D 141 -6.19 21.91 -7.99
C LEU D 141 -6.36 20.57 -7.30
N ASN D 142 -6.51 20.58 -5.98
CA ASN D 142 -6.46 19.36 -5.22
C ASN D 142 -7.82 18.97 -4.66
N ASN D 143 -8.16 17.70 -4.86
CA ASN D 143 -9.27 17.03 -4.17
C ASN D 143 -10.63 17.68 -4.40
N PHE D 144 -11.05 17.67 -5.64
CA PHE D 144 -12.31 18.29 -6.03
C PHE D 144 -13.25 17.30 -6.70
N TYR D 145 -14.53 17.68 -6.74
CA TYR D 145 -15.57 16.89 -7.41
C TYR D 145 -16.71 17.83 -7.74
N PRO D 146 -17.29 17.77 -8.94
CA PRO D 146 -17.01 16.86 -10.06
C PRO D 146 -15.74 17.21 -10.84
N ARG D 147 -15.45 16.40 -11.87
CA ARG D 147 -14.18 16.50 -12.59
C ARG D 147 -14.05 17.81 -13.37
N GLU D 148 -15.14 18.34 -13.88
CA GLU D 148 -15.11 19.54 -14.70
C GLU D 148 -14.54 20.73 -13.92
N ALA D 149 -13.49 21.34 -14.48
CA ALA D 149 -12.87 22.52 -13.90
C ALA D 149 -12.23 23.34 -15.01
N LYS D 150 -12.24 24.66 -14.84
CA LYS D 150 -11.62 25.59 -15.78
C LYS D 150 -10.43 26.28 -15.11
N VAL D 151 -9.26 26.18 -15.73
CA VAL D 151 -8.05 26.86 -15.26
C VAL D 151 -7.60 27.81 -16.34
N GLN D 152 -7.37 29.06 -15.98
CA GLN D 152 -6.82 30.07 -16.88
C GLN D 152 -5.56 30.64 -16.26
N TRP D 153 -4.54 30.83 -17.10
CA TRP D 153 -3.30 31.47 -16.68
C TRP D 153 -3.33 32.92 -17.12
N LYS D 154 -3.00 33.82 -16.20
CA LYS D 154 -2.86 35.24 -16.48
C LYS D 154 -1.44 35.67 -16.13
N VAL D 155 -0.78 36.35 -17.07
CA VAL D 155 0.56 36.88 -16.85
C VAL D 155 0.43 38.38 -17.06
N ASP D 156 0.62 39.15 -16.00
CA ASP D 156 0.30 40.59 -16.04
C ASP D 156 -1.12 40.81 -16.58
N ASN D 157 -2.04 39.97 -16.11
CA ASN D 157 -3.46 39.98 -16.44
C ASN D 157 -3.76 39.69 -17.90
N ALA D 158 -2.79 39.24 -18.68
CA ALA D 158 -3.01 38.82 -20.05
C ALA D 158 -3.23 37.31 -20.11
N LEU D 159 -4.35 36.90 -20.73
CA LEU D 159 -4.67 35.48 -20.82
C LEU D 159 -3.62 34.76 -21.67
N GLN D 160 -3.13 33.64 -21.14
CA GLN D 160 -2.17 32.81 -21.88
C GLN D 160 -2.91 31.76 -22.68
N SER D 161 -2.44 31.53 -23.90
CA SER D 161 -2.96 30.46 -24.73
C SER D 161 -1.82 29.69 -25.36
N CYS D 162 -2.05 28.40 -25.56
CA CYS D 162 -1.19 27.50 -26.33
C CYS D 162 0.14 27.20 -25.67
N ASN D 163 0.32 27.55 -24.38
CA ASN D 163 1.57 27.30 -23.69
C ASN D 163 1.38 26.61 -22.33
N SER D 164 0.28 25.90 -22.15
CA SER D 164 0.05 25.15 -20.92
C SER D 164 -0.51 23.77 -21.24
N GLN D 165 -0.27 22.84 -20.33
CA GLN D 165 -0.76 21.49 -20.42
C GLN D 165 -1.31 21.07 -19.06
N GLU D 166 -2.39 20.29 -19.08
CA GLU D 166 -3.05 19.78 -17.89
C GLU D 166 -2.89 18.27 -17.78
N SER D 167 -2.90 17.81 -16.54
CA SER D 167 -2.96 16.40 -16.22
C SER D 167 -3.92 16.21 -15.05
N VAL D 168 -4.72 15.15 -15.11
CA VAL D 168 -5.77 14.88 -14.13
C VAL D 168 -5.60 13.47 -13.61
N THR D 169 -5.69 13.31 -12.29
CA THR D 169 -5.63 11.99 -11.70
C THR D 169 -6.94 11.25 -11.95
N GLU D 170 -6.88 9.92 -11.83
CA GLU D 170 -8.10 9.14 -11.75
C GLU D 170 -8.80 9.37 -10.43
N GLN D 171 -10.07 9.01 -10.37
CA GLN D 171 -10.84 9.24 -9.16
C GLN D 171 -10.25 8.50 -7.98
N ASP D 172 -10.11 9.19 -6.86
CA ASP D 172 -9.44 8.62 -5.69
C ASP D 172 -10.28 7.52 -5.05
N SER D 173 -9.59 6.44 -4.64
CA SER D 173 -10.27 5.27 -4.11
C SER D 173 -10.75 5.44 -2.68
N LYS D 174 -10.35 6.53 -2.00
CA LYS D 174 -10.80 6.81 -0.64
C LYS D 174 -11.87 7.89 -0.56
N ASP D 175 -11.65 9.05 -1.16
CA ASP D 175 -12.59 10.15 -1.07
C ASP D 175 -13.30 10.48 -2.38
N SER D 176 -13.06 9.72 -3.45
CA SER D 176 -13.77 9.85 -4.71
C SER D 176 -13.59 11.22 -5.36
N THR D 177 -12.48 11.90 -5.10
CA THR D 177 -12.21 13.19 -5.72
C THR D 177 -11.18 13.04 -6.83
N TYR D 178 -10.99 14.15 -7.52
CA TYR D 178 -9.97 14.32 -8.56
C TYR D 178 -8.97 15.37 -8.10
N SER D 179 -7.77 15.31 -8.67
CA SER D 179 -6.80 16.42 -8.60
C SER D 179 -6.30 16.70 -10.02
N LEU D 180 -5.84 17.94 -10.24
CA LEU D 180 -5.45 18.40 -11.56
C LEU D 180 -4.23 19.30 -11.42
N SER D 181 -3.29 19.16 -12.35
CA SER D 181 -2.19 20.10 -12.50
C SER D 181 -2.30 20.82 -13.84
N SER D 182 -1.91 22.08 -13.85
CA SER D 182 -1.76 22.84 -15.09
C SER D 182 -0.37 23.43 -15.03
N THR D 183 0.41 23.21 -16.08
CA THR D 183 1.79 23.65 -16.15
C THR D 183 1.96 24.62 -17.30
N LEU D 184 2.37 25.85 -16.97
CA LEU D 184 2.66 26.89 -17.95
C LEU D 184 4.15 26.87 -18.25
N THR D 185 4.51 26.81 -19.52
CA THR D 185 5.90 26.73 -19.92
C THR D 185 6.27 27.98 -20.71
N LEU D 186 7.27 28.70 -20.22
CA LEU D 186 7.76 29.92 -20.86
C LEU D 186 9.28 29.86 -21.00
N SER D 187 9.81 30.59 -21.99
CA SER D 187 11.24 30.81 -22.02
C SER D 187 11.63 31.65 -20.80
N LYS D 188 12.89 31.49 -20.35
CA LYS D 188 13.37 32.35 -19.28
C LYS D 188 13.26 33.83 -19.66
N ALA D 189 13.59 34.17 -20.89
CA ALA D 189 13.50 35.56 -21.33
C ALA D 189 12.08 36.09 -21.15
N ASP D 190 11.09 35.31 -21.61
CA ASP D 190 9.70 35.73 -21.47
C ASP D 190 9.29 35.80 -20.01
N TYR D 191 9.67 34.80 -19.21
CA TYR D 191 9.37 34.83 -17.79
C TYR D 191 9.89 36.10 -17.13
N GLU D 192 11.10 36.53 -17.50
CA GLU D 192 11.70 37.69 -16.88
C GLU D 192 11.11 39.00 -17.38
N LYS D 193 10.29 38.97 -18.44
CA LYS D 193 9.68 40.20 -18.94
C LYS D 193 8.38 40.56 -18.22
N HIS D 194 7.91 39.73 -17.30
CA HIS D 194 6.62 39.92 -16.66
C HIS D 194 6.75 39.77 -15.17
N LYS D 195 5.77 40.34 -14.45
CA LYS D 195 5.81 40.37 -12.99
C LYS D 195 4.81 39.43 -12.33
N VAL D 196 3.53 39.53 -12.66
CA VAL D 196 2.48 38.85 -11.91
C VAL D 196 2.09 37.59 -12.65
N TYR D 197 2.19 36.46 -11.96
CA TYR D 197 1.82 35.15 -12.50
C TYR D 197 0.65 34.64 -11.69
N ALA D 198 -0.45 34.36 -12.36
CA ALA D 198 -1.66 33.97 -11.66
C ALA D 198 -2.36 32.81 -12.35
N CYS D 199 -2.91 31.89 -11.56
N CYS D 199 -2.93 31.95 -11.52
CA CYS D 199 -3.80 30.86 -12.09
CA CYS D 199 -3.79 30.85 -11.91
C CYS D 199 -5.17 31.00 -11.44
C CYS D 199 -5.20 31.20 -11.42
N GLU D 200 -6.19 31.06 -12.29
CA GLU D 200 -7.57 31.34 -11.93
C GLU D 200 -8.41 30.10 -12.17
N VAL D 201 -9.12 29.66 -11.12
CA VAL D 201 -9.83 28.39 -11.13
C VAL D 201 -11.33 28.62 -10.95
N THR D 202 -12.11 28.04 -11.84
CA THR D 202 -13.57 28.06 -11.78
C THR D 202 -14.05 26.63 -11.61
N HIS D 203 -14.97 26.43 -10.66
CA HIS D 203 -15.45 25.09 -10.35
C HIS D 203 -16.78 25.21 -9.63
N GLN D 204 -17.64 24.19 -9.84
CA GLN D 204 -18.98 24.22 -9.26
C GLN D 204 -18.97 24.44 -7.76
N GLY D 205 -17.94 23.95 -7.06
CA GLY D 205 -17.89 24.16 -5.63
C GLY D 205 -17.46 25.53 -5.16
N LEU D 206 -17.10 26.41 -6.08
CA LEU D 206 -16.63 27.76 -5.76
C LEU D 206 -17.68 28.77 -6.23
N SER D 207 -18.18 29.59 -5.31
CA SER D 207 -19.16 30.61 -5.71
C SER D 207 -18.52 31.69 -6.59
N SER D 208 -17.25 31.99 -6.35
CA SER D 208 -16.46 32.92 -7.14
C SER D 208 -15.19 32.19 -7.56
N PRO D 209 -14.61 32.49 -8.72
CA PRO D 209 -13.32 31.89 -9.07
C PRO D 209 -12.26 32.21 -8.03
N VAL D 210 -11.35 31.27 -7.84
CA VAL D 210 -10.21 31.44 -6.94
C VAL D 210 -8.98 31.76 -7.77
N THR D 211 -8.23 32.75 -7.34
CA THR D 211 -6.97 33.13 -7.97
C THR D 211 -5.86 32.91 -6.96
N LYS D 212 -4.80 32.24 -7.40
CA LYS D 212 -3.54 32.15 -6.67
C LYS D 212 -2.46 32.77 -7.56
N SER D 213 -1.62 33.60 -6.98
CA SER D 213 -0.64 34.33 -7.77
C SER D 213 0.64 34.53 -6.97
N PHE D 214 1.71 34.86 -7.70
CA PHE D 214 2.93 35.34 -7.07
C PHE D 214 3.54 36.39 -7.98
N ASN D 215 4.47 37.16 -7.42
CA ASN D 215 5.22 38.16 -8.17
C ASN D 215 6.65 37.66 -8.36
N ARG D 216 7.11 37.64 -9.61
CA ARG D 216 8.46 37.17 -9.89
C ARG D 216 9.48 37.94 -9.06
N GLY D 217 10.43 37.21 -8.51
CA GLY D 217 11.48 37.83 -7.70
C GLY D 217 11.08 38.06 -6.26
N GLU D 218 9.88 38.62 -6.05
CA GLU D 218 9.36 38.82 -4.70
C GLU D 218 8.95 37.49 -4.09
N CYS D 219 9.88 36.52 -4.05
CA CYS D 219 9.56 35.21 -3.55
C CYS D 219 10.81 34.34 -3.41
N HIS E 7 -20.56 15.11 32.78
CA HIS E 7 -21.95 15.12 32.32
C HIS E 7 -22.01 14.86 30.82
N LYS E 8 -21.51 15.82 30.04
CA LYS E 8 -21.53 15.68 28.59
C LYS E 8 -20.44 14.71 28.17
N ILE E 9 -20.79 13.78 27.28
CA ILE E 9 -19.81 12.87 26.70
C ILE E 9 -19.96 12.89 25.18
N GLY E 10 -18.88 12.56 24.49
CA GLY E 10 -18.87 12.64 23.05
C GLY E 10 -19.85 11.71 22.36
N SER E 11 -20.19 10.60 23.00
CA SER E 11 -21.10 9.63 22.38
C SER E 11 -22.45 10.25 22.04
N LEU E 12 -22.84 11.29 22.74
CA LEU E 12 -24.15 11.92 22.55
C LEU E 12 -24.13 13.04 21.52
N ALA E 13 -22.97 13.37 20.97
CA ALA E 13 -22.89 14.37 19.92
C ALA E 13 -23.62 13.90 18.66
N GLU E 14 -24.28 14.83 17.98
CA GLU E 14 -24.99 14.46 16.75
C GLU E 14 -24.08 13.80 15.74
N ASN E 15 -22.82 14.23 15.65
CA ASN E 15 -21.89 13.66 14.68
C ASN E 15 -20.89 12.69 15.30
N ALA E 16 -21.24 12.11 16.45
CA ALA E 16 -20.31 11.21 17.14
C ALA E 16 -19.85 10.07 16.24
N PHE E 17 -20.75 9.52 15.42
CA PHE E 17 -20.46 8.35 14.60
C PHE E 17 -20.56 8.65 13.11
N SER E 18 -20.55 9.93 12.75
CA SER E 18 -20.55 10.33 11.35
C SER E 18 -19.15 10.29 10.77
N ASP E 19 -19.03 9.78 9.55
CA ASP E 19 -17.76 9.83 8.84
C ASP E 19 -17.40 11.27 8.55
N PRO E 20 -16.24 11.77 9.00
CA PRO E 20 -15.92 13.19 8.74
C PRO E 20 -15.71 13.48 7.26
N ALA E 21 -15.35 12.50 6.47
CA ALA E 21 -15.14 12.68 5.03
C ALA E 21 -16.44 13.12 4.35
N HIS F 7 -7.12 -26.67 -31.53
CA HIS F 7 -8.07 -27.46 -30.77
C HIS F 7 -8.01 -27.08 -29.29
N LYS F 8 -6.90 -27.45 -28.63
CA LYS F 8 -6.80 -27.28 -27.20
C LYS F 8 -6.68 -25.80 -26.86
N ILE F 9 -7.49 -25.34 -25.90
CA ILE F 9 -7.38 -23.98 -25.38
C ILE F 9 -7.33 -24.04 -23.86
N GLY F 10 -6.73 -23.02 -23.26
CA GLY F 10 -6.53 -23.02 -21.83
C GLY F 10 -7.80 -23.02 -21.01
N SER F 11 -8.88 -22.45 -21.57
CA SER F 11 -10.13 -22.40 -20.84
C SER F 11 -10.63 -23.77 -20.43
N LEU F 12 -10.25 -24.81 -21.15
CA LEU F 12 -10.74 -26.17 -20.86
C LEU F 12 -9.82 -26.91 -19.90
N ALA F 13 -8.74 -26.30 -19.43
CA ALA F 13 -7.89 -26.94 -18.44
C ALA F 13 -8.64 -27.09 -17.13
N GLU F 14 -8.34 -28.19 -16.41
CA GLU F 14 -9.00 -28.42 -15.13
C GLU F 14 -8.79 -27.25 -14.18
N ASN F 15 -7.60 -26.64 -14.18
CA ASN F 15 -7.27 -25.57 -13.26
C ASN F 15 -7.29 -24.18 -13.91
N ALA F 16 -8.01 -24.05 -15.04
CA ALA F 16 -8.03 -22.79 -15.77
C ALA F 16 -8.45 -21.62 -14.89
N PHE F 17 -9.41 -21.83 -13.98
CA PHE F 17 -9.93 -20.74 -13.15
C PHE F 17 -9.66 -20.97 -11.67
N SER F 18 -8.73 -21.86 -11.35
CA SER F 18 -8.32 -22.07 -9.97
C SER F 18 -7.28 -21.03 -9.54
N ASP F 19 -7.47 -20.49 -8.34
CA ASP F 19 -6.47 -19.56 -7.81
C ASP F 19 -5.19 -20.34 -7.54
N PRO F 20 -4.06 -19.98 -8.13
CA PRO F 20 -2.82 -20.74 -7.85
C PRO F 20 -2.42 -20.64 -6.39
N ALA F 21 -2.91 -19.65 -5.66
CA ALA F 21 -2.59 -19.50 -4.25
C ALA F 21 -3.27 -20.60 -3.43
#